data_4KNL
#
_entry.id   4KNL
#
_cell.length_a   67.810
_cell.length_b   82.830
_cell.length_c   77.430
_cell.angle_alpha   90.00
_cell.angle_beta   96.18
_cell.angle_gamma   90.00
#
_symmetry.space_group_name_H-M   'P 1 21 1'
#
loop_
_entity.id
_entity.type
_entity.pdbx_description
1 polymer 'Bifunctional autolysin'
2 polymer 'Muramyl tetrapeptide'
3 non-polymer IMIDAZOLE
4 non-polymer 'SODIUM ION'
5 non-polymer 'FORMIC ACID'
6 non-polymer 'OXAMIC ACID'
7 non-polymer (4S)-2-METHYL-2,4-PENTANEDIOL
8 non-polymer 'D(-)-TARTARIC ACID'
9 non-polymer 'N-acetyl-alpha-muramic acid'
10 water water
#
loop_
_entity_poly.entity_id
_entity_poly.type
_entity_poly.pdbx_seq_one_letter_code
_entity_poly.pdbx_strand_id
1 'polypeptide(L)'
;GSASAQPRSVAATPKTSLPKYKPQVNSSINDYICKNNLKAPKIEEDYTSYFPKYAYRNGVGRPEGIVVHDTANDRSTING
EISYMKNNYQNAFVHAFVDGDRIIETAPTDYLSWGVGAVGNPRFINVEIVHTHDYASFARSMNNYADYAATQLQYYGLKP
DSAEYDGNGTVWTHYAVSKYLGGTDHADPHGYLRSHNYSYDQLYDLINEKYLIKMGKVAPWGTQS
;
A,B,C,D
2 'polypeptide(L)' A(ZGL)(ALY)(DAL)(NH2) F,G
#
loop_
_chem_comp.id
_chem_comp.type
_chem_comp.name
_chem_comp.formula
FMT non-polymer 'FORMIC ACID' 'C H2 O2'
IMD non-polymer IMIDAZOLE 'C3 H5 N2 1'
MPD non-polymer (4S)-2-METHYL-2,4-PENTANEDIOL 'C6 H14 O2'
MUB D-saccharide, alpha linking 'N-acetyl-alpha-muramic acid' 'C11 H19 N O8'
NA non-polymer 'SODIUM ION' 'Na 1'
NH2 non-polymer 'AMINO GROUP' 'H2 N'
OXM non-polymer 'OXAMIC ACID' 'C2 H3 N O3'
TAR non-polymer 'D(-)-TARTARIC ACID' 'C4 H6 O6'
#
# COMPACT_ATOMS: atom_id res chain seq x y z
N SER A 17 -1.70 -26.33 31.06
CA SER A 17 -0.94 -25.18 30.60
C SER A 17 -0.14 -25.50 29.36
N LEU A 18 0.60 -24.51 28.89
CA LEU A 18 1.41 -24.69 27.71
C LEU A 18 2.71 -25.44 28.00
N PRO A 19 3.18 -26.20 27.01
CA PRO A 19 4.44 -26.96 27.09
C PRO A 19 5.64 -26.02 27.06
N LYS A 20 6.68 -26.33 27.83
CA LYS A 20 7.90 -25.53 27.76
C LYS A 20 8.57 -25.84 26.43
N TYR A 21 9.20 -24.83 25.83
CA TYR A 21 9.89 -25.07 24.58
C TYR A 21 11.06 -26.02 24.82
N LYS A 22 11.21 -27.02 23.96
CA LYS A 22 12.40 -27.85 23.97
C LYS A 22 13.43 -27.25 23.00
N PRO A 23 14.54 -26.72 23.52
CA PRO A 23 15.54 -26.10 22.64
C PRO A 23 15.99 -27.09 21.58
N GLN A 24 16.09 -26.61 20.34
CA GLN A 24 16.48 -27.47 19.23
C GLN A 24 17.99 -27.36 18.99
N VAL A 25 18.63 -26.40 19.64
CA VAL A 25 20.06 -26.19 19.56
C VAL A 25 20.58 -26.01 21.00
N ASN A 26 21.60 -26.76 21.40
CA ASN A 26 22.16 -26.57 22.73
C ASN A 26 22.76 -25.18 22.84
N SER A 27 22.59 -24.52 23.98
CA SER A 27 23.12 -23.17 24.13
C SER A 27 23.19 -22.84 25.63
N SER A 28 24.38 -22.88 26.24
CA SER A 28 24.43 -22.47 27.63
C SER A 28 24.10 -20.98 27.77
N ILE A 29 24.38 -20.19 26.75
CA ILE A 29 24.00 -18.77 26.82
C ILE A 29 22.48 -18.63 26.78
N ASN A 30 21.81 -19.33 25.87
CA ASN A 30 20.33 -19.30 25.92
C ASN A 30 19.76 -19.84 27.23
N ASP A 31 20.40 -20.86 27.79
CA ASP A 31 19.99 -21.37 29.10
C ASP A 31 20.10 -20.28 30.15
N TYR A 32 21.18 -19.50 30.09
CA TYR A 32 21.38 -18.42 31.03
C TYR A 32 20.30 -17.35 30.87
N ILE A 33 20.02 -16.99 29.62
CA ILE A 33 18.98 -15.97 29.32
C ILE A 33 17.62 -16.39 29.90
N CYS A 34 17.27 -17.65 29.65
CA CYS A 34 15.98 -18.18 30.09
C CYS A 34 15.90 -18.32 31.60
N LYS A 35 16.95 -18.86 32.20
CA LYS A 35 16.96 -19.11 33.65
C LYS A 35 16.84 -17.82 34.44
N ASN A 36 17.47 -16.77 33.93
CA ASN A 36 17.41 -15.49 34.58
C ASN A 36 16.24 -14.64 34.09
N ASN A 37 15.41 -15.22 33.25
CA ASN A 37 14.20 -14.55 32.75
C ASN A 37 14.48 -13.12 32.27
N LEU A 38 15.50 -12.98 31.45
CA LEU A 38 15.88 -11.66 30.97
C LEU A 38 14.75 -11.02 30.19
N LYS A 39 14.51 -9.76 30.50
CA LYS A 39 13.45 -9.04 29.84
C LYS A 39 14.03 -8.00 28.86
N ALA A 40 13.64 -8.13 27.61
CA ALA A 40 14.02 -7.15 26.62
C ALA A 40 13.40 -5.76 26.92
N PRO A 41 14.15 -4.68 26.63
CA PRO A 41 13.60 -3.35 26.87
C PRO A 41 12.58 -3.02 25.80
N LYS A 42 11.85 -1.92 25.98
CA LYS A 42 10.88 -1.48 24.98
C LYS A 42 11.56 -1.12 23.68
N ILE A 43 10.87 -1.31 22.55
CA ILE A 43 11.40 -0.82 21.28
C ILE A 43 11.19 0.67 21.24
N GLU A 44 12.27 1.42 21.13
CA GLU A 44 12.15 2.88 21.07
C GLU A 44 12.43 3.37 19.68
N GLU A 45 11.77 4.47 19.29
CA GLU A 45 12.01 4.99 17.94
C GLU A 45 12.99 6.14 17.95
N ASP A 46 13.84 6.15 16.94
CA ASP A 46 14.67 7.32 16.65
C ASP A 46 14.69 7.42 15.13
N TYR A 47 13.62 7.99 14.55
CA TYR A 47 13.47 8.07 13.10
C TYR A 47 14.08 9.39 12.58
N THR A 48 14.27 9.43 11.28
CA THR A 48 14.98 10.54 10.67
C THR A 48 14.21 10.99 9.45
N SER A 49 13.84 12.28 9.42
CA SER A 49 12.92 12.73 8.40
C SER A 49 13.40 12.59 6.97
N TYR A 50 14.72 12.68 6.79
CA TYR A 50 15.28 12.65 5.45
C TYR A 50 15.63 11.23 4.93
N PHE A 51 15.39 10.18 5.70
CA PHE A 51 15.64 8.82 5.15
C PHE A 51 14.57 8.54 4.10
N PRO A 52 14.88 7.78 3.05
CA PRO A 52 13.86 7.45 2.06
C PRO A 52 12.83 6.50 2.64
N LYS A 53 11.66 6.50 2.03
CA LYS A 53 10.58 5.60 2.44
C LYS A 53 10.16 4.87 1.21
N TYR A 54 10.84 3.74 0.97
CA TYR A 54 10.60 3.00 -0.25
C TYR A 54 9.99 1.66 0.10
N ALA A 55 9.15 1.20 -0.81
CA ALA A 55 8.47 -0.08 -0.66
C ALA A 55 9.38 -1.29 -0.77
N TYR A 56 9.00 -2.37 -0.09
CA TYR A 56 9.54 -3.68 -0.40
C TYR A 56 8.98 -4.08 -1.76
N ARG A 57 9.56 -5.11 -2.37
CA ARG A 57 9.13 -5.48 -3.72
C ARG A 57 7.63 -5.82 -3.75
N ASN A 58 7.08 -6.39 -2.67
CA ASN A 58 5.65 -6.72 -2.72
C ASN A 58 4.75 -5.60 -2.17
N GLY A 59 5.36 -4.50 -1.81
CA GLY A 59 4.63 -3.35 -1.28
C GLY A 59 5.12 -2.80 0.04
N VAL A 60 4.65 -1.61 0.38
CA VAL A 60 4.89 -1.08 1.71
C VAL A 60 4.21 -2.06 2.69
N GLY A 61 4.84 -2.29 3.85
CA GLY A 61 4.30 -3.22 4.84
C GLY A 61 4.41 -4.70 4.49
N ARG A 62 5.22 -4.99 3.49
CA ARG A 62 5.36 -6.37 2.99
C ARG A 62 6.78 -6.93 3.10
N PRO A 63 7.41 -6.83 4.27
CA PRO A 63 8.68 -7.54 4.38
C PRO A 63 8.47 -9.06 4.32
N GLU A 64 9.53 -9.75 3.91
CA GLU A 64 9.54 -11.19 3.71
C GLU A 64 10.39 -11.90 4.72
N GLY A 65 10.97 -11.15 5.66
CA GLY A 65 11.84 -11.75 6.65
C GLY A 65 12.75 -10.70 7.27
N ILE A 66 13.79 -11.17 7.97
CA ILE A 66 14.61 -10.30 8.77
C ILE A 66 16.05 -10.79 8.68
N VAL A 67 17.02 -9.87 8.64
CA VAL A 67 18.46 -10.22 8.51
C VAL A 67 19.20 -9.89 9.80
N VAL A 68 20.09 -10.80 10.17
CA VAL A 68 20.99 -10.60 11.29
C VAL A 68 22.33 -10.02 10.75
N HIS A 69 22.67 -8.81 11.20
CA HIS A 69 23.94 -8.18 10.93
C HIS A 69 24.68 -7.91 12.25
N ASP A 70 25.99 -7.65 12.16
CA ASP A 70 26.69 -7.05 13.29
C ASP A 70 27.56 -5.91 12.78
N THR A 71 27.84 -4.97 13.68
CA THR A 71 28.47 -3.72 13.27
C THR A 71 29.92 -3.87 12.82
N ALA A 72 30.57 -4.99 13.11
CA ALA A 72 31.97 -5.25 12.76
C ALA A 72 32.85 -4.19 13.38
N ASN A 73 32.44 -3.72 14.56
CA ASN A 73 33.15 -2.61 15.17
C ASN A 73 33.26 -2.87 16.66
N ASP A 74 34.48 -3.09 17.13
CA ASP A 74 34.66 -3.42 18.53
C ASP A 74 34.76 -2.21 19.43
N ARG A 75 34.69 -1.02 18.84
CA ARG A 75 34.93 0.18 19.62
C ARG A 75 33.71 1.09 19.75
N SER A 76 32.71 0.91 18.89
CA SER A 76 31.60 1.86 18.82
C SER A 76 30.54 1.58 19.89
N THR A 77 29.73 2.60 20.21
CA THR A 77 28.54 2.39 21.03
C THR A 77 27.31 2.48 20.13
N ILE A 78 26.15 2.08 20.64
CA ILE A 78 24.94 2.16 19.81
C ILE A 78 24.67 3.62 19.39
N ASN A 79 24.96 4.56 20.27
CA ASN A 79 24.77 5.97 19.89
C ASN A 79 25.72 6.46 18.76
N GLY A 80 26.96 5.99 18.81
CA GLY A 80 27.93 6.32 17.79
C GLY A 80 27.56 5.71 16.45
N GLU A 81 27.06 4.46 16.50
CA GLU A 81 26.64 3.80 15.27
C GLU A 81 25.47 4.58 14.64
N ILE A 82 24.52 5.00 15.47
CA ILE A 82 23.37 5.72 14.94
C ILE A 82 23.75 7.10 14.37
N SER A 83 24.63 7.81 15.05
CA SER A 83 25.16 9.09 14.57
C SER A 83 25.78 8.97 13.19
N TYR A 84 26.67 7.98 13.06
CA TYR A 84 27.34 7.69 11.79
C TYR A 84 26.33 7.38 10.71
N MET A 85 25.33 6.56 11.04
CA MET A 85 24.37 6.14 10.04
C MET A 85 23.51 7.31 9.55
N LYS A 86 23.09 8.17 10.46
CA LYS A 86 22.26 9.30 10.02
C LYS A 86 23.07 10.20 9.04
N ASN A 87 24.38 10.27 9.20
CA ASN A 87 25.23 11.04 8.29
C ASN A 87 25.46 10.30 6.98
N ASN A 88 25.48 8.97 7.02
CA ASN A 88 25.82 8.17 5.84
C ASN A 88 24.73 7.29 5.28
N TYR A 89 23.49 7.74 5.46
CA TYR A 89 22.33 6.90 5.18
C TYR A 89 22.24 6.62 3.70
N GLN A 90 22.75 7.50 2.84
CA GLN A 90 22.71 7.20 1.41
C GLN A 90 23.63 6.02 1.05
N ASN A 91 24.59 5.72 1.90
CA ASN A 91 25.44 4.54 1.67
C ASN A 91 24.82 3.30 2.34
N ALA A 92 24.31 3.50 3.55
CA ALA A 92 23.68 2.39 4.28
C ALA A 92 22.86 2.92 5.44
N PHE A 93 21.69 2.31 5.64
CA PHE A 93 20.97 2.45 6.88
C PHE A 93 20.18 1.18 7.16
N VAL A 94 19.84 1.01 8.42
CA VAL A 94 19.11 -0.20 8.85
C VAL A 94 17.87 0.18 9.63
N HIS A 95 17.05 -0.82 9.93
CA HIS A 95 15.84 -0.64 10.70
C HIS A 95 16.05 -0.48 12.20
N ALA A 96 17.04 -1.16 12.76
CA ALA A 96 17.19 -1.13 14.18
C ALA A 96 18.57 -1.59 14.60
N PHE A 97 18.93 -1.19 15.80
CA PHE A 97 20.18 -1.56 16.45
C PHE A 97 19.79 -2.11 17.80
N VAL A 98 20.49 -3.16 18.23
CA VAL A 98 20.34 -3.67 19.58
C VAL A 98 21.70 -3.74 20.26
N ASP A 99 21.70 -3.44 21.55
CA ASP A 99 22.91 -3.74 22.36
C ASP A 99 22.40 -4.42 23.63
N GLY A 100 23.20 -4.40 24.70
CA GLY A 100 22.78 -5.06 25.92
C GLY A 100 21.76 -4.32 26.75
N ASP A 101 21.50 -3.05 26.42
CA ASP A 101 20.58 -2.22 27.20
C ASP A 101 19.36 -1.69 26.42
N ARG A 102 19.46 -1.62 25.10
CA ARG A 102 18.46 -0.92 24.31
C ARG A 102 18.14 -1.62 23.01
N ILE A 103 16.92 -1.37 22.55
CA ILE A 103 16.48 -1.72 21.19
C ILE A 103 16.00 -0.44 20.53
N ILE A 104 16.73 0.05 19.54
CA ILE A 104 16.39 1.34 18.98
C ILE A 104 16.06 1.11 17.53
N GLU A 105 14.84 1.48 17.15
CA GLU A 105 14.41 1.37 15.77
C GLU A 105 14.61 2.70 15.08
N THR A 106 15.44 2.66 14.03
CA THR A 106 15.91 3.85 13.36
C THR A 106 15.20 4.07 12.02
N ALA A 107 14.37 3.10 11.61
CA ALA A 107 13.53 3.27 10.40
C ALA A 107 12.31 2.36 10.49
N PRO A 108 11.17 2.84 9.97
CA PRO A 108 9.94 2.05 10.04
C PRO A 108 10.09 0.74 9.29
N THR A 109 9.60 -0.36 9.89
CA THR A 109 9.73 -1.65 9.27
C THR A 109 8.80 -1.82 8.06
N ASP A 110 7.83 -0.94 7.89
CA ASP A 110 6.98 -1.02 6.70
C ASP A 110 7.65 -0.63 5.40
N TYR A 111 8.75 0.13 5.48
CA TYR A 111 9.53 0.52 4.32
C TYR A 111 10.87 -0.20 4.38
N LEU A 112 11.58 -0.30 3.26
CA LEU A 112 12.83 -1.05 3.26
C LEU A 112 13.94 -0.23 3.95
N SER A 113 15.10 -0.84 4.19
CA SER A 113 16.25 -0.03 4.58
C SER A 113 17.42 -0.41 3.68
N TRP A 114 18.48 0.40 3.68
CA TRP A 114 19.60 0.14 2.78
C TRP A 114 20.71 -0.60 3.51
N GLY A 115 20.46 -1.86 3.82
CA GLY A 115 21.33 -2.58 4.74
C GLY A 115 22.04 -3.82 4.22
N VAL A 116 21.55 -4.37 3.13
CA VAL A 116 22.02 -5.71 2.76
C VAL A 116 22.15 -5.90 1.23
N GLY A 117 22.28 -4.78 0.51
CA GLY A 117 22.43 -4.79 -0.93
C GLY A 117 21.11 -4.85 -1.71
N ALA A 118 21.21 -4.73 -3.03
CA ALA A 118 20.08 -4.51 -3.93
C ALA A 118 19.13 -5.68 -4.09
N VAL A 119 19.61 -6.90 -3.81
CA VAL A 119 18.72 -8.05 -3.88
C VAL A 119 17.95 -8.26 -2.57
N GLY A 120 18.66 -8.17 -1.45
CA GLY A 120 18.02 -8.31 -0.14
C GLY A 120 17.19 -7.13 0.36
N ASN A 121 17.63 -5.90 0.06
CA ASN A 121 16.88 -4.74 0.54
C ASN A 121 15.37 -4.71 0.22
N PRO A 122 14.97 -5.11 -0.99
CA PRO A 122 13.53 -5.06 -1.26
C PRO A 122 12.75 -6.22 -0.63
N ARG A 123 13.43 -7.00 0.21
CA ARG A 123 12.79 -8.15 0.86
C ARG A 123 12.77 -8.14 2.38
N PHE A 124 13.82 -7.65 3.02
CA PHE A 124 14.04 -7.98 4.44
C PHE A 124 14.25 -6.80 5.38
N ILE A 125 13.75 -6.93 6.60
CA ILE A 125 14.06 -6.01 7.68
C ILE A 125 15.49 -6.23 8.06
N ASN A 126 16.25 -5.13 8.23
CA ASN A 126 17.65 -5.21 8.59
C ASN A 126 17.94 -4.78 10.03
N VAL A 127 18.56 -5.64 10.84
CA VAL A 127 18.83 -5.30 12.25
C VAL A 127 20.29 -5.57 12.57
N GLU A 128 20.96 -4.59 13.16
CA GLU A 128 22.37 -4.66 13.53
C GLU A 128 22.58 -4.92 15.01
N ILE A 129 23.45 -5.90 15.29
CA ILE A 129 23.94 -6.12 16.65
C ILE A 129 25.19 -5.30 16.91
N VAL A 130 25.09 -4.41 17.89
CA VAL A 130 26.21 -3.61 18.38
C VAL A 130 27.10 -4.52 19.26
N HIS A 131 28.41 -4.36 19.17
CA HIS A 131 29.29 -5.28 19.93
C HIS A 131 29.27 -4.94 21.42
N THR A 132 29.35 -5.97 22.23
CA THR A 132 29.32 -5.81 23.69
C THR A 132 30.58 -6.43 24.25
N HIS A 133 30.86 -6.21 25.53
CA HIS A 133 32.19 -6.52 26.04
C HIS A 133 32.20 -7.19 27.40
N ASP A 134 31.07 -7.75 27.81
CA ASP A 134 31.10 -8.70 28.91
C ASP A 134 30.01 -9.73 28.69
N TYR A 135 30.01 -10.76 29.50
CA TYR A 135 29.16 -11.91 29.24
C TYR A 135 27.67 -11.55 29.37
N ALA A 136 27.33 -10.85 30.44
CA ALA A 136 25.91 -10.51 30.67
C ALA A 136 25.39 -9.57 29.60
N SER A 137 26.18 -8.59 29.20
CA SER A 137 25.71 -7.65 28.16
C SER A 137 25.59 -8.34 26.80
N PHE A 138 26.49 -9.26 26.49
CA PHE A 138 26.33 -10.02 25.26
C PHE A 138 25.01 -10.82 25.27
N ALA A 139 24.73 -11.47 26.41
CA ALA A 139 23.54 -12.34 26.52
C ALA A 139 22.28 -11.49 26.32
N ARG A 140 22.26 -10.34 26.98
CA ARG A 140 21.13 -9.43 26.85
C ARG A 140 20.99 -9.01 25.40
N SER A 141 22.11 -8.73 24.72
CA SER A 141 22.00 -8.27 23.33
C SER A 141 21.39 -9.34 22.44
N MET A 142 21.70 -10.61 22.73
CA MET A 142 21.07 -11.71 22.00
C MET A 142 19.58 -11.82 22.31
N ASN A 143 19.23 -11.74 23.59
CA ASN A 143 17.82 -11.73 24.00
C ASN A 143 17.09 -10.56 23.29
N ASN A 144 17.75 -9.40 23.19
CA ASN A 144 17.12 -8.20 22.59
C ASN A 144 16.96 -8.38 21.08
N TYR A 145 18.00 -8.87 20.39
CA TYR A 145 17.81 -9.17 18.96
C TYR A 145 16.61 -10.12 18.80
N ALA A 146 16.60 -11.19 19.59
CA ALA A 146 15.58 -12.22 19.40
C ALA A 146 14.17 -11.71 19.70
N ASP A 147 14.06 -10.89 20.74
CA ASP A 147 12.74 -10.30 21.03
C ASP A 147 12.27 -9.44 19.88
N TYR A 148 13.18 -8.60 19.35
CA TYR A 148 12.73 -7.68 18.30
C TYR A 148 12.33 -8.49 17.08
N ALA A 149 13.14 -9.50 16.75
CA ALA A 149 12.87 -10.28 15.54
C ALA A 149 11.55 -11.06 15.66
N ALA A 150 11.33 -11.64 16.83
CA ALA A 150 10.08 -12.41 17.07
C ALA A 150 8.86 -11.47 17.00
N THR A 151 9.04 -10.27 17.51
CA THR A 151 7.99 -9.27 17.48
C THR A 151 7.62 -8.98 16.01
N GLN A 152 8.64 -8.80 15.16
CA GLN A 152 8.39 -8.45 13.76
C GLN A 152 7.72 -9.61 13.04
N LEU A 153 8.20 -10.82 13.29
CA LEU A 153 7.61 -12.02 12.67
C LEU A 153 6.13 -12.12 13.05
N GLN A 154 5.83 -11.95 14.33
CA GLN A 154 4.43 -11.99 14.78
C GLN A 154 3.57 -10.89 14.11
N TYR A 155 4.11 -9.68 14.07
CA TYR A 155 3.30 -8.54 13.65
C TYR A 155 2.97 -8.71 12.17
N TYR A 156 3.94 -9.22 11.40
CA TYR A 156 3.77 -9.34 9.97
C TYR A 156 3.16 -10.69 9.55
N GLY A 157 2.84 -11.56 10.50
CA GLY A 157 2.28 -12.86 10.16
C GLY A 157 3.24 -13.80 9.44
N LEU A 158 4.54 -13.63 9.69
CA LEU A 158 5.57 -14.53 9.16
C LEU A 158 5.86 -15.58 10.22
N LYS A 159 6.21 -16.79 9.79
CA LYS A 159 6.67 -17.78 10.75
C LYS A 159 8.18 -17.94 10.62
N PRO A 160 8.88 -18.19 11.74
CA PRO A 160 10.32 -18.39 11.63
C PRO A 160 10.68 -19.59 10.74
N ASP A 161 11.63 -19.37 9.83
CA ASP A 161 12.14 -20.43 8.97
C ASP A 161 13.57 -19.94 8.65
N SER A 162 14.58 -20.72 9.00
CA SER A 162 15.97 -20.26 8.79
C SER A 162 16.43 -20.56 7.36
N ALA A 163 17.01 -19.54 6.74
CA ALA A 163 17.49 -19.64 5.37
C ALA A 163 18.95 -20.09 5.27
N GLU A 164 19.58 -20.38 6.42
CA GLU A 164 21.05 -20.47 6.44
C GLU A 164 21.60 -21.58 5.55
N TYR A 165 20.88 -22.69 5.53
CA TYR A 165 21.35 -23.88 4.84
C TYR A 165 20.61 -24.26 3.56
N ASP A 166 19.60 -23.47 3.19
CA ASP A 166 18.80 -23.77 1.99
C ASP A 166 18.37 -22.57 1.17
N GLY A 167 18.69 -21.37 1.66
CA GLY A 167 18.45 -20.15 0.91
C GLY A 167 16.97 -19.81 0.80
N ASN A 168 16.20 -20.32 1.73
CA ASN A 168 14.77 -20.08 1.76
C ASN A 168 14.33 -19.83 3.20
N GLY A 169 13.56 -18.77 3.43
CA GLY A 169 12.94 -18.62 4.74
C GLY A 169 12.79 -17.16 5.11
N THR A 170 12.56 -16.93 6.40
CA THR A 170 12.23 -15.61 6.91
C THR A 170 13.28 -15.07 7.86
N VAL A 171 14.25 -15.88 8.25
CA VAL A 171 15.35 -15.40 9.07
C VAL A 171 16.67 -15.69 8.35
N TRP A 172 17.43 -14.63 8.08
CA TRP A 172 18.62 -14.65 7.23
C TRP A 172 19.78 -14.06 7.97
N THR A 173 20.98 -14.61 7.78
CA THR A 173 22.17 -13.84 8.11
C THR A 173 22.60 -13.01 6.92
N HIS A 174 23.41 -11.98 7.14
CA HIS A 174 23.99 -11.23 6.02
C HIS A 174 24.78 -12.22 5.17
N TYR A 175 25.48 -13.13 5.84
CA TYR A 175 26.22 -14.17 5.14
C TYR A 175 25.35 -14.94 4.14
N ALA A 176 24.15 -15.36 4.61
CA ALA A 176 23.24 -16.10 3.74
C ALA A 176 22.75 -15.27 2.58
N VAL A 177 22.52 -13.98 2.79
CA VAL A 177 22.13 -13.18 1.65
C VAL A 177 23.29 -13.12 0.62
N SER A 178 24.51 -12.93 1.13
CA SER A 178 25.68 -12.91 0.23
C SER A 178 25.78 -14.25 -0.57
N LYS A 179 25.53 -15.37 0.11
CA LYS A 179 25.70 -16.71 -0.45
C LYS A 179 24.62 -17.07 -1.49
N TYR A 180 23.36 -16.79 -1.14
CA TYR A 180 22.24 -17.33 -1.93
C TYR A 180 21.59 -16.30 -2.85
N LEU A 181 21.61 -15.02 -2.44
CA LEU A 181 20.99 -13.95 -3.23
C LEU A 181 21.99 -13.04 -3.98
N GLY A 182 23.15 -12.80 -3.39
CA GLY A 182 24.11 -11.89 -4.00
C GLY A 182 23.74 -10.44 -3.70
N GLY A 183 24.40 -9.52 -4.38
CA GLY A 183 24.19 -8.10 -4.18
C GLY A 183 25.02 -7.58 -3.02
N THR A 184 25.73 -8.50 -2.36
CA THR A 184 26.54 -8.12 -1.21
C THR A 184 27.51 -9.25 -0.94
N ASP A 185 28.57 -8.94 -0.20
CA ASP A 185 29.61 -9.94 0.10
C ASP A 185 30.03 -9.96 1.57
N HIS A 186 29.20 -9.41 2.44
CA HIS A 186 29.52 -9.46 3.86
C HIS A 186 29.20 -10.83 4.46
N ALA A 187 29.90 -11.15 5.55
CA ALA A 187 29.85 -12.46 6.17
C ALA A 187 29.30 -12.44 7.59
N ASP A 188 28.80 -11.30 8.05
CA ASP A 188 28.22 -11.28 9.39
C ASP A 188 27.01 -12.18 9.53
N PRO A 189 26.76 -12.66 10.76
CA PRO A 189 27.35 -12.36 12.05
C PRO A 189 28.18 -13.49 12.60
N HIS A 190 28.55 -14.43 11.74
CA HIS A 190 29.12 -15.70 12.24
C HIS A 190 30.36 -15.53 13.09
N GLY A 191 31.31 -14.76 12.55
CA GLY A 191 32.57 -14.61 13.27
C GLY A 191 32.36 -13.90 14.59
N TYR A 192 31.52 -12.87 14.60
CA TYR A 192 31.26 -12.14 15.82
C TYR A 192 30.61 -13.05 16.86
N LEU A 193 29.59 -13.79 16.47
CA LEU A 193 28.89 -14.67 17.44
C LEU A 193 29.86 -15.75 17.95
N ARG A 194 30.69 -16.26 17.06
CA ARG A 194 31.71 -17.26 17.46
C ARG A 194 32.66 -16.70 18.53
N SER A 195 33.02 -15.41 18.40
CA SER A 195 33.99 -14.85 19.32
C SER A 195 33.43 -14.74 20.72
N HIS A 196 32.09 -14.74 20.83
CA HIS A 196 31.40 -14.73 22.12
C HIS A 196 30.83 -16.10 22.50
N ASN A 197 31.38 -17.15 21.89
CA ASN A 197 30.98 -18.53 22.19
C ASN A 197 29.50 -18.79 21.98
N TYR A 198 28.98 -18.19 20.90
CA TYR A 198 27.58 -18.32 20.54
C TYR A 198 27.53 -18.69 19.08
N SER A 199 26.34 -18.74 18.49
CA SER A 199 26.25 -19.02 17.05
C SER A 199 24.93 -18.54 16.52
N TYR A 200 24.86 -18.40 15.20
CA TYR A 200 23.60 -17.99 14.57
C TYR A 200 22.51 -19.02 14.86
N ASP A 201 22.84 -20.30 14.82
CA ASP A 201 21.79 -21.27 15.11
C ASP A 201 21.25 -21.21 16.54
N GLN A 202 22.10 -20.86 17.51
CA GLN A 202 21.60 -20.63 18.86
C GLN A 202 20.68 -19.39 18.88
N LEU A 203 21.09 -18.33 18.17
CA LEU A 203 20.21 -17.15 18.07
C LEU A 203 18.88 -17.52 17.43
N TYR A 204 18.91 -18.29 16.36
CA TYR A 204 17.68 -18.62 15.65
C TYR A 204 16.74 -19.40 16.57
N ASP A 205 17.29 -20.32 17.36
CA ASP A 205 16.47 -21.10 18.27
C ASP A 205 15.80 -20.18 19.30
N LEU A 206 16.52 -19.13 19.70
CA LEU A 206 15.99 -18.19 20.66
C LEU A 206 14.86 -17.36 20.01
N ILE A 207 15.08 -16.93 18.75
CA ILE A 207 14.01 -16.23 18.01
C ILE A 207 12.77 -17.14 17.92
N ASN A 208 12.98 -18.42 17.63
CA ASN A 208 11.88 -19.36 17.46
C ASN A 208 11.09 -19.51 18.75
N GLU A 209 11.81 -19.65 19.86
CA GLU A 209 11.16 -19.83 21.13
C GLU A 209 10.35 -18.57 21.46
N LYS A 210 10.97 -17.42 21.25
CA LYS A 210 10.26 -16.20 21.64
C LYS A 210 9.05 -15.97 20.78
N TYR A 211 9.16 -16.35 19.52
CA TYR A 211 8.01 -16.24 18.62
C TYR A 211 6.88 -17.13 19.12
N LEU A 212 7.24 -18.36 19.49
CA LEU A 212 6.21 -19.28 19.96
C LEU A 212 5.61 -18.82 21.29
N ILE A 213 6.40 -18.18 22.14
CA ILE A 213 5.85 -17.63 23.37
C ILE A 213 4.86 -16.53 23.03
N LYS A 214 5.26 -15.63 22.12
CA LYS A 214 4.38 -14.52 21.72
C LYS A 214 3.07 -15.02 21.06
N MET A 215 3.15 -16.15 20.34
CA MET A 215 2.00 -16.71 19.64
C MET A 215 1.13 -17.58 20.56
N GLY A 216 1.53 -17.69 21.82
CA GLY A 216 0.80 -18.50 22.79
C GLY A 216 0.85 -20.00 22.57
N LYS A 217 1.96 -20.50 22.02
CA LYS A 217 2.11 -21.93 21.73
C LYS A 217 3.02 -22.64 22.72
N VAL A 218 3.94 -21.91 23.34
CA VAL A 218 4.76 -22.47 24.42
C VAL A 218 4.74 -21.53 25.63
N ALA A 219 5.15 -22.06 26.78
CA ALA A 219 5.08 -21.33 28.04
C ALA A 219 6.08 -20.19 28.12
N PRO A 220 5.64 -19.06 28.67
CA PRO A 220 6.58 -17.97 28.89
C PRO A 220 7.55 -18.40 29.97
N TRP A 221 8.68 -17.71 30.08
CA TRP A 221 9.66 -18.03 31.08
C TRP A 221 9.16 -17.71 32.50
N SER B 17 -18.58 28.87 -21.40
CA SER B 17 -17.97 27.58 -21.67
C SER B 17 -16.45 27.55 -21.48
N LEU B 18 -15.88 26.38 -21.70
CA LEU B 18 -14.46 26.21 -21.56
C LEU B 18 -13.75 26.74 -22.80
N PRO B 19 -12.52 27.28 -22.60
CA PRO B 19 -11.77 27.71 -23.78
C PRO B 19 -11.20 26.50 -24.50
N LYS B 20 -10.97 26.63 -25.80
CA LYS B 20 -10.29 25.63 -26.58
C LYS B 20 -8.80 25.74 -26.28
N TYR B 21 -8.11 24.60 -26.24
CA TYR B 21 -6.68 24.58 -25.99
C TYR B 21 -5.89 25.28 -27.08
N LYS B 22 -4.99 26.18 -26.69
CA LYS B 22 -4.08 26.78 -27.67
C LYS B 22 -2.83 25.93 -27.73
N PRO B 23 -2.64 25.19 -28.84
CA PRO B 23 -1.48 24.32 -28.95
C PRO B 23 -0.18 25.06 -28.66
N GLN B 24 0.76 24.39 -28.01
CA GLN B 24 2.04 25.01 -27.64
C GLN B 24 3.16 24.57 -28.56
N VAL B 25 2.89 23.59 -29.40
CA VAL B 25 3.85 23.04 -30.35
C VAL B 25 3.12 22.87 -31.68
N ASN B 26 3.67 23.46 -32.75
CA ASN B 26 3.07 23.38 -34.08
C ASN B 26 2.99 21.94 -34.54
N SER B 27 1.81 21.49 -34.96
CA SER B 27 1.65 20.08 -35.35
C SER B 27 0.50 19.88 -36.34
N SER B 28 0.84 19.68 -37.62
CA SER B 28 -0.24 19.48 -38.57
C SER B 28 -0.96 18.16 -38.25
N ILE B 29 -0.23 17.19 -37.74
CA ILE B 29 -0.83 15.92 -37.34
C ILE B 29 -1.82 16.08 -36.17
N ASN B 30 -1.43 16.83 -35.13
CA ASN B 30 -2.41 17.09 -34.05
C ASN B 30 -3.59 17.89 -34.58
N ASP B 31 -3.32 18.85 -35.47
CA ASP B 31 -4.43 19.59 -36.07
C ASP B 31 -5.43 18.62 -36.70
N TYR B 32 -4.91 17.68 -37.47
CA TYR B 32 -5.73 16.64 -38.09
C TYR B 32 -6.53 15.81 -37.06
N ILE B 33 -5.89 15.45 -35.97
CA ILE B 33 -6.50 14.56 -34.96
C ILE B 33 -7.68 15.30 -34.31
N CYS B 34 -7.41 16.55 -33.96
CA CYS B 34 -8.37 17.43 -33.34
C CYS B 34 -9.53 17.69 -34.29
N LYS B 35 -9.20 18.12 -35.50
CA LYS B 35 -10.22 18.57 -36.45
C LYS B 35 -11.16 17.44 -36.85
N ASN B 36 -10.63 16.22 -36.87
CA ASN B 36 -11.43 15.06 -37.21
C ASN B 36 -12.03 14.36 -36.00
N ASN B 37 -11.86 14.97 -34.82
CA ASN B 37 -12.35 14.44 -33.57
C ASN B 37 -12.17 12.93 -33.41
N LEU B 38 -10.94 12.47 -33.56
CA LEU B 38 -10.65 11.06 -33.47
C LEU B 38 -10.86 10.64 -32.02
N LYS B 39 -11.57 9.54 -31.83
CA LYS B 39 -11.88 9.04 -30.50
C LYS B 39 -11.02 7.83 -30.24
N ALA B 40 -10.28 7.84 -29.14
CA ALA B 40 -9.49 6.67 -28.79
C ALA B 40 -10.41 5.52 -28.41
N PRO B 41 -9.97 4.29 -28.64
CA PRO B 41 -10.85 3.16 -28.30
C PRO B 41 -10.79 2.89 -26.82
N LYS B 42 -11.63 1.98 -26.36
CA LYS B 42 -11.60 1.51 -24.99
C LYS B 42 -10.25 0.91 -24.61
N ILE B 43 -9.86 1.05 -23.36
CA ILE B 43 -8.68 0.34 -22.84
C ILE B 43 -9.09 -1.09 -22.54
N GLU B 44 -8.45 -2.03 -23.24
CA GLU B 44 -8.68 -3.47 -23.04
C GLU B 44 -7.60 -4.04 -22.16
N GLU B 45 -7.97 -5.01 -21.32
CA GLU B 45 -6.98 -5.71 -20.53
C GLU B 45 -6.58 -7.01 -21.20
N ASP B 46 -5.31 -7.32 -21.09
CA ASP B 46 -4.84 -8.67 -21.47
C ASP B 46 -3.71 -8.99 -20.50
N TYR B 47 -4.09 -9.33 -19.27
CA TYR B 47 -3.10 -9.56 -18.21
C TYR B 47 -2.63 -11.00 -18.24
N THR B 48 -1.49 -11.24 -17.59
CA THR B 48 -0.82 -12.54 -17.61
C THR B 48 -0.54 -12.98 -16.18
N SER B 49 -1.01 -14.17 -15.83
CA SER B 49 -1.07 -14.51 -14.41
C SER B 49 0.33 -14.64 -13.81
N TYR B 50 1.30 -15.03 -14.63
CA TYR B 50 2.63 -15.28 -14.11
C TYR B 50 3.61 -14.06 -14.18
N PHE B 51 3.13 -12.90 -14.58
CA PHE B 51 3.98 -11.71 -14.55
C PHE B 51 4.21 -11.33 -13.08
N PRO B 52 5.39 -10.78 -12.75
CA PRO B 52 5.59 -10.29 -11.39
C PRO B 52 4.70 -9.10 -11.06
N LYS B 53 4.30 -8.99 -9.81
CA LYS B 53 3.56 -7.82 -9.33
C LYS B 53 4.39 -7.12 -8.26
N TYR B 54 5.24 -6.19 -8.69
CA TYR B 54 6.15 -5.54 -7.75
C TYR B 54 5.80 -4.06 -7.61
N ALA B 55 6.01 -3.50 -6.42
CA ALA B 55 5.72 -2.11 -6.11
C ALA B 55 6.62 -1.14 -6.85
N TYR B 56 6.12 0.06 -7.13
CA TYR B 56 7.00 1.17 -7.47
C TYR B 56 7.75 1.55 -6.19
N ARG B 57 8.81 2.34 -6.33
CA ARG B 57 9.56 2.69 -5.11
C ARG B 57 8.70 3.33 -4.01
N ASN B 58 7.68 4.10 -4.38
CA ASN B 58 6.85 4.73 -3.35
C ASN B 58 5.65 3.90 -2.91
N GLY B 59 5.56 2.69 -3.46
CA GLY B 59 4.49 1.79 -3.15
C GLY B 59 3.71 1.30 -4.35
N VAL B 60 2.90 0.26 -4.11
CA VAL B 60 1.94 -0.13 -5.11
C VAL B 60 1.00 1.07 -5.37
N GLY B 61 0.58 1.28 -6.63
CA GLY B 61 -0.33 2.36 -6.94
C GLY B 61 0.32 3.76 -6.96
N ARG B 62 1.64 3.78 -6.88
CA ARG B 62 2.38 5.04 -6.82
C ARG B 62 3.37 5.31 -7.97
N PRO B 63 2.92 5.19 -9.23
CA PRO B 63 3.80 5.65 -10.30
C PRO B 63 4.03 7.14 -10.25
N GLU B 64 5.15 7.55 -10.85
CA GLU B 64 5.60 8.93 -10.82
C GLU B 64 5.55 9.57 -12.18
N GLY B 65 5.12 8.80 -13.15
CA GLY B 65 5.02 9.31 -14.51
C GLY B 65 4.90 8.17 -15.49
N ILE B 66 5.15 8.48 -16.76
CA ILE B 66 4.88 7.54 -17.83
C ILE B 66 5.97 7.72 -18.90
N VAL B 67 6.43 6.60 -19.47
CA VAL B 67 7.49 6.63 -20.50
C VAL B 67 6.96 6.27 -21.88
N VAL B 68 7.44 6.98 -22.90
CA VAL B 68 7.11 6.71 -24.29
C VAL B 68 8.15 5.78 -24.90
N HIS B 69 7.73 4.57 -25.29
CA HIS B 69 8.58 3.65 -26.04
C HIS B 69 8.00 3.39 -27.42
N ASP B 70 8.82 2.86 -28.33
CA ASP B 70 8.27 2.30 -29.55
C ASP B 70 8.93 0.94 -29.82
N THR B 71 8.25 0.10 -30.58
CA THR B 71 8.63 -1.31 -30.67
C THR B 71 9.91 -1.55 -31.46
N ALA B 72 10.41 -0.50 -32.11
CA ALA B 72 11.63 -0.60 -32.93
C ALA B 72 11.52 -1.73 -33.96
N ASN B 73 10.29 -2.00 -34.37
CA ASN B 73 10.00 -3.12 -35.26
C ASN B 73 8.93 -2.71 -36.26
N ASP B 74 9.31 -2.64 -37.53
CA ASP B 74 8.40 -2.17 -38.55
C ASP B 74 7.49 -3.28 -39.08
N ARG B 75 7.77 -4.53 -38.72
CA ARG B 75 7.01 -5.63 -39.33
C ARG B 75 5.97 -6.29 -38.41
N SER B 76 6.04 -6.00 -37.11
CA SER B 76 5.22 -6.72 -36.15
C SER B 76 3.82 -6.11 -36.00
N THR B 77 2.88 -6.86 -35.43
CA THR B 77 1.59 -6.30 -35.09
C THR B 77 1.45 -6.22 -33.57
N ILE B 78 0.38 -5.60 -33.10
CA ILE B 78 0.16 -5.53 -31.67
C ILE B 78 -0.03 -6.93 -31.09
N ASN B 79 -0.74 -7.80 -31.80
CA ASN B 79 -0.91 -9.17 -31.31
C ASN B 79 0.43 -9.92 -31.27
N GLY B 80 1.24 -9.75 -32.32
CA GLY B 80 2.56 -10.36 -32.39
C GLY B 80 3.47 -9.89 -31.27
N GLU B 81 3.43 -8.60 -30.98
CA GLU B 81 4.25 -8.07 -29.92
C GLU B 81 3.80 -8.58 -28.58
N ILE B 82 2.49 -8.67 -28.39
CA ILE B 82 1.99 -9.13 -27.09
C ILE B 82 2.33 -10.61 -26.86
N SER B 83 2.17 -11.43 -27.88
CA SER B 83 2.54 -12.85 -27.78
C SER B 83 4.02 -13.05 -27.45
N TYR B 84 4.90 -12.32 -28.14
CA TYR B 84 6.34 -12.41 -27.89
C TYR B 84 6.66 -12.03 -26.44
N MET B 85 6.07 -10.93 -25.97
CA MET B 85 6.30 -10.44 -24.61
C MET B 85 5.83 -11.40 -23.51
N LYS B 86 4.68 -12.04 -23.70
CA LYS B 86 4.17 -13.01 -22.72
C LYS B 86 5.14 -14.15 -22.53
N ASN B 87 5.87 -14.48 -23.59
CA ASN B 87 6.87 -15.54 -23.50
C ASN B 87 8.16 -15.05 -22.89
N ASN B 88 8.48 -13.78 -23.11
CA ASN B 88 9.78 -13.28 -22.73
C ASN B 88 9.73 -12.14 -21.74
N TYR B 89 8.76 -12.21 -20.85
CA TYR B 89 8.57 -11.14 -19.90
C TYR B 89 9.79 -10.93 -19.00
N GLN B 90 10.61 -11.96 -18.80
CA GLN B 90 11.77 -11.79 -17.92
C GLN B 90 12.83 -10.91 -18.60
N ASN B 91 12.81 -10.84 -19.92
CA ASN B 91 13.69 -9.92 -20.62
C ASN B 91 13.09 -8.52 -20.55
N ALA B 92 11.78 -8.44 -20.80
CA ALA B 92 11.10 -7.14 -20.80
C ALA B 92 9.60 -7.36 -20.88
N PHE B 93 8.85 -6.50 -20.17
CA PHE B 93 7.42 -6.38 -20.39
C PHE B 93 7.04 -4.97 -20.06
N VAL B 94 5.88 -4.59 -20.55
CA VAL B 94 5.41 -3.21 -20.41
C VAL B 94 3.96 -3.21 -19.96
N HIS B 95 3.48 -2.02 -19.60
CA HIS B 95 2.12 -1.89 -19.16
C HIS B 95 1.11 -1.92 -20.27
N ALA B 96 1.45 -1.37 -21.44
CA ALA B 96 0.45 -1.33 -22.48
C ALA B 96 1.07 -1.14 -23.82
N PHE B 97 0.32 -1.50 -24.85
CA PHE B 97 0.68 -1.25 -26.24
C PHE B 97 -0.44 -0.46 -26.89
N VAL B 98 -0.09 0.47 -27.77
CA VAL B 98 -1.09 1.12 -28.60
C VAL B 98 -0.75 0.99 -30.10
N ASP B 99 -1.77 0.84 -30.92
CA ASP B 99 -1.60 1.00 -32.36
C ASP B 99 -2.69 1.93 -32.87
N GLY B 100 -3.01 1.88 -34.16
CA GLY B 100 -4.02 2.77 -34.69
C GLY B 100 -5.44 2.35 -34.37
N ASP B 101 -5.59 1.13 -33.85
CA ASP B 101 -6.91 0.55 -33.66
C ASP B 101 -7.27 0.23 -32.21
N ARG B 102 -6.25 -0.07 -31.40
CA ARG B 102 -6.51 -0.62 -30.07
C ARG B 102 -5.54 -0.08 -29.02
N ILE B 103 -5.98 -0.10 -27.77
CA ILE B 103 -5.13 0.21 -26.64
C ILE B 103 -5.25 -1.01 -25.74
N ILE B 104 -4.15 -1.75 -25.60
CA ILE B 104 -4.17 -3.00 -24.84
C ILE B 104 -3.25 -2.92 -23.64
N GLU B 105 -3.83 -3.07 -22.44
CA GLU B 105 -3.06 -2.96 -21.21
C GLU B 105 -2.69 -4.38 -20.80
N THR B 106 -1.40 -4.64 -20.82
CA THR B 106 -0.86 -5.97 -20.59
C THR B 106 -0.41 -6.19 -19.14
N ALA B 107 -0.39 -5.10 -18.36
CA ALA B 107 -0.08 -5.23 -16.94
C ALA B 107 -0.68 -4.09 -16.14
N PRO B 108 -1.04 -4.39 -14.89
CA PRO B 108 -1.71 -3.34 -14.08
C PRO B 108 -0.76 -2.19 -13.77
N THR B 109 -1.29 -0.96 -13.91
CA THR B 109 -0.42 0.19 -13.78
C THR B 109 -0.04 0.43 -12.32
N ASP B 110 -0.76 -0.22 -11.40
CA ASP B 110 -0.40 -0.08 -9.99
C ASP B 110 0.90 -0.78 -9.63
N TYR B 111 1.35 -1.72 -10.44
CA TYR B 111 2.62 -2.39 -10.17
C TYR B 111 3.59 -1.98 -11.29
N LEU B 112 4.88 -2.21 -11.10
CA LEU B 112 5.83 -1.75 -12.11
C LEU B 112 5.85 -2.69 -13.31
N SER B 113 6.49 -2.28 -14.40
CA SER B 113 6.82 -3.28 -15.45
C SER B 113 8.32 -3.25 -15.75
N TRP B 114 8.82 -4.27 -16.47
CA TRP B 114 10.25 -4.29 -16.75
C TRP B 114 10.55 -3.72 -18.15
N GLY B 115 10.42 -2.40 -18.26
CA GLY B 115 10.45 -1.81 -19.58
C GLY B 115 11.57 -0.83 -19.84
N VAL B 116 12.21 -0.32 -18.80
CA VAL B 116 13.04 0.86 -18.99
C VAL B 116 14.30 0.88 -18.10
N GLY B 117 14.64 -0.29 -17.58
CA GLY B 117 15.87 -0.47 -16.83
C GLY B 117 15.66 -0.26 -15.35
N ALA B 118 16.70 -0.54 -14.58
CA ALA B 118 16.56 -0.62 -13.13
C ALA B 118 16.25 0.65 -12.37
N VAL B 119 16.55 1.79 -12.98
CA VAL B 119 16.31 3.09 -12.34
C VAL B 119 14.90 3.60 -12.66
N GLY B 120 14.51 3.51 -13.92
CA GLY B 120 13.19 3.99 -14.31
C GLY B 120 12.04 3.04 -13.98
N ASN B 121 12.28 1.72 -13.99
CA ASN B 121 11.18 0.82 -13.68
C ASN B 121 10.44 1.02 -12.36
N PRO B 122 11.19 1.31 -11.26
CA PRO B 122 10.46 1.59 -10.01
C PRO B 122 9.74 2.95 -9.99
N ARG B 123 9.74 3.67 -11.10
CA ARG B 123 9.12 5.00 -11.12
C ARG B 123 7.98 5.15 -12.12
N PHE B 124 8.06 4.48 -13.27
CA PHE B 124 7.19 4.92 -14.39
C PHE B 124 6.35 3.84 -15.06
N ILE B 125 5.16 4.22 -15.52
CA ILE B 125 4.34 3.31 -16.30
C ILE B 125 4.99 3.28 -17.67
N ASN B 126 5.09 2.10 -18.28
CA ASN B 126 5.79 1.95 -19.58
C ASN B 126 4.80 1.59 -20.69
N VAL B 127 4.75 2.39 -21.77
CA VAL B 127 3.75 2.16 -22.81
C VAL B 127 4.45 2.15 -24.18
N GLU B 128 4.18 1.13 -24.98
CA GLU B 128 4.86 0.94 -26.28
C GLU B 128 3.96 1.37 -27.40
N ILE B 129 4.50 2.17 -28.32
CA ILE B 129 3.82 2.46 -29.57
C ILE B 129 4.20 1.42 -30.62
N VAL B 130 3.20 0.71 -31.13
CA VAL B 130 3.39 -0.27 -32.20
C VAL B 130 3.48 0.51 -33.50
N HIS B 131 4.33 0.06 -34.43
CA HIS B 131 4.52 0.85 -35.66
C HIS B 131 3.32 0.75 -36.56
N THR B 132 3.00 1.85 -37.24
CA THR B 132 1.89 1.88 -38.19
C THR B 132 2.46 2.35 -39.53
N HIS B 133 1.69 2.22 -40.60
CA HIS B 133 2.30 2.39 -41.92
C HIS B 133 1.47 3.22 -42.88
N ASP B 134 0.48 3.90 -42.36
CA ASP B 134 -0.26 4.89 -43.15
C ASP B 134 -0.54 6.10 -42.27
N TYR B 135 -0.90 7.23 -42.89
CA TYR B 135 -1.06 8.50 -42.16
C TYR B 135 -2.12 8.44 -41.05
N ALA B 136 -3.30 7.94 -41.41
CA ALA B 136 -4.44 7.94 -40.50
C ALA B 136 -4.19 7.02 -39.31
N SER B 137 -3.65 5.84 -39.57
CA SER B 137 -3.33 4.92 -38.48
C SER B 137 -2.26 5.47 -37.55
N PHE B 138 -1.29 6.17 -38.12
CA PHE B 138 -0.24 6.77 -37.29
C PHE B 138 -0.85 7.84 -36.39
N ALA B 139 -1.68 8.70 -36.99
CA ALA B 139 -2.35 9.75 -36.22
C ALA B 139 -3.22 9.14 -35.11
N ARG B 140 -3.98 8.10 -35.43
CA ARG B 140 -4.79 7.45 -34.40
C ARG B 140 -3.88 6.90 -33.29
N SER B 141 -2.75 6.30 -33.67
CA SER B 141 -1.85 5.75 -32.65
C SER B 141 -1.31 6.83 -31.72
N MET B 142 -1.03 8.03 -32.24
CA MET B 142 -0.63 9.14 -31.35
C MET B 142 -1.79 9.58 -30.45
N ASN B 143 -2.96 9.73 -31.05
CA ASN B 143 -4.15 10.03 -30.27
C ASN B 143 -4.31 8.98 -29.16
N ASN B 144 -4.08 7.72 -29.51
CA ASN B 144 -4.33 6.62 -28.59
C ASN B 144 -3.31 6.60 -27.46
N TYR B 145 -2.03 6.76 -27.82
CA TYR B 145 -1.01 6.94 -26.79
C TYR B 145 -1.39 8.10 -25.87
N ALA B 146 -1.73 9.24 -26.46
CA ALA B 146 -2.00 10.42 -25.64
C ALA B 146 -3.21 10.25 -24.71
N ASP B 147 -4.25 9.56 -25.20
CA ASP B 147 -5.45 9.37 -24.37
C ASP B 147 -5.14 8.49 -23.19
N TYR B 148 -4.40 7.41 -23.46
CA TYR B 148 -4.01 6.47 -22.40
C TYR B 148 -3.16 7.19 -21.38
N ALA B 149 -2.16 7.94 -21.85
CA ALA B 149 -1.26 8.67 -20.96
C ALA B 149 -1.99 9.73 -20.14
N ALA B 150 -2.87 10.51 -20.78
CA ALA B 150 -3.68 11.47 -20.07
C ALA B 150 -4.61 10.77 -19.03
N THR B 151 -5.14 9.61 -19.40
CA THR B 151 -5.97 8.82 -18.50
C THR B 151 -5.22 8.44 -17.22
N GLN B 152 -4.00 7.96 -17.38
CA GLN B 152 -3.19 7.57 -16.25
C GLN B 152 -2.79 8.79 -15.42
N LEU B 153 -2.40 9.89 -16.05
CA LEU B 153 -2.03 11.07 -15.27
C LEU B 153 -3.19 11.52 -14.39
N GLN B 154 -4.37 11.62 -14.98
CA GLN B 154 -5.56 12.02 -14.22
C GLN B 154 -5.90 11.02 -13.11
N TYR B 155 -5.78 9.73 -13.41
CA TYR B 155 -6.18 8.73 -12.41
C TYR B 155 -5.27 8.78 -11.19
N TYR B 156 -3.98 9.00 -11.43
CA TYR B 156 -2.99 9.00 -10.37
C TYR B 156 -2.75 10.38 -9.78
N GLY B 157 -3.53 11.39 -10.21
CA GLY B 157 -3.35 12.75 -9.73
C GLY B 157 -2.00 13.38 -10.04
N LEU B 158 -1.44 13.03 -11.19
CA LEU B 158 -0.19 13.62 -11.69
C LEU B 158 -0.55 14.69 -12.70
N LYS B 159 0.27 15.73 -12.83
CA LYS B 159 0.05 16.72 -13.86
C LYS B 159 1.14 16.54 -14.91
N PRO B 160 0.80 16.73 -16.20
CA PRO B 160 1.81 16.65 -17.25
C PRO B 160 2.97 17.61 -17.02
N ASP B 161 4.19 17.08 -17.09
CA ASP B 161 5.40 17.88 -16.99
C ASP B 161 6.45 17.11 -17.79
N SER B 162 6.95 17.70 -18.87
CA SER B 162 7.86 16.99 -19.75
C SER B 162 9.29 16.97 -19.20
N ALA B 163 9.89 15.79 -19.18
CA ALA B 163 11.21 15.61 -18.63
C ALA B 163 12.33 15.76 -19.65
N GLU B 164 11.97 15.98 -20.91
CA GLU B 164 12.92 15.81 -22.03
C GLU B 164 14.18 16.68 -21.93
N TYR B 165 14.00 17.91 -21.46
CA TYR B 165 15.08 18.89 -21.49
C TYR B 165 15.62 19.26 -20.11
N ASP B 166 15.02 18.71 -19.05
CA ASP B 166 15.47 19.06 -17.70
C ASP B 166 15.56 17.86 -16.75
N GLY B 167 15.13 16.70 -17.22
CA GLY B 167 15.27 15.49 -16.45
C GLY B 167 14.35 15.42 -15.26
N ASN B 168 13.25 16.16 -15.34
CA ASN B 168 12.28 16.17 -14.26
C ASN B 168 10.89 16.24 -14.82
N GLY B 169 10.00 15.41 -14.31
CA GLY B 169 8.60 15.53 -14.66
C GLY B 169 7.89 14.19 -14.65
N THR B 170 6.80 14.14 -15.38
CA THR B 170 5.90 13.01 -15.33
C THR B 170 5.75 12.34 -16.70
N VAL B 171 6.30 12.96 -17.74
CA VAL B 171 6.21 12.36 -19.08
C VAL B 171 7.66 12.27 -19.61
N TRP B 172 8.12 11.05 -19.87
CA TRP B 172 9.51 10.76 -20.20
C TRP B 172 9.55 9.98 -21.50
N THR B 173 10.54 10.27 -22.34
CA THR B 173 10.89 9.30 -23.35
C THR B 173 11.87 8.25 -22.79
N HIS B 174 11.94 7.11 -23.42
CA HIS B 174 13.01 6.14 -23.09
C HIS B 174 14.37 6.84 -23.22
N TYR B 175 14.55 7.59 -24.30
CA TYR B 175 15.76 8.39 -24.44
C TYR B 175 16.10 9.24 -23.22
N ALA B 176 15.12 10.01 -22.71
CA ALA B 176 15.37 10.80 -21.52
C ALA B 176 15.75 9.95 -20.29
N VAL B 177 15.13 8.78 -20.10
CA VAL B 177 15.54 7.91 -19.00
C VAL B 177 17.01 7.50 -19.21
N SER B 178 17.36 7.10 -20.43
CA SER B 178 18.78 6.82 -20.72
C SER B 178 19.69 8.01 -20.41
N LYS B 179 19.24 9.22 -20.72
CA LYS B 179 20.11 10.39 -20.66
C LYS B 179 20.27 10.88 -19.23
N TYR B 180 19.17 10.94 -18.49
CA TYR B 180 19.19 11.54 -17.15
C TYR B 180 19.28 10.56 -15.97
N LEU B 181 18.73 9.37 -16.14
CA LEU B 181 18.62 8.41 -15.02
C LEU B 181 19.54 7.20 -15.20
N GLY B 182 19.73 6.79 -16.44
CA GLY B 182 20.60 5.68 -16.75
C GLY B 182 19.86 4.35 -16.53
N GLY B 183 20.62 3.26 -16.51
CA GLY B 183 20.06 1.92 -16.34
C GLY B 183 19.57 1.33 -17.65
N THR B 184 19.71 2.10 -18.72
CA THR B 184 19.26 1.71 -20.05
C THR B 184 19.92 2.65 -21.06
N ASP B 185 19.95 2.25 -22.31
CA ASP B 185 20.60 3.06 -23.35
C ASP B 185 19.78 3.18 -24.62
N HIS B 186 18.47 2.93 -24.53
CA HIS B 186 17.64 3.00 -25.72
C HIS B 186 17.27 4.44 -26.01
N ALA B 187 17.00 4.72 -27.28
CA ALA B 187 16.78 6.09 -27.67
C ALA B 187 15.38 6.37 -28.19
N ASP B 188 14.44 5.45 -27.95
CA ASP B 188 13.09 5.67 -28.46
C ASP B 188 12.43 6.84 -27.71
N PRO B 189 11.44 7.51 -28.32
CA PRO B 189 10.87 7.19 -29.64
C PRO B 189 11.30 8.13 -30.75
N HIS B 190 12.36 8.91 -30.55
CA HIS B 190 12.64 10.04 -31.46
C HIS B 190 12.78 9.67 -32.92
N GLY B 191 13.60 8.65 -33.20
CA GLY B 191 13.84 8.23 -34.57
C GLY B 191 12.55 7.79 -35.23
N TYR B 192 11.74 7.03 -34.49
CA TYR B 192 10.47 6.55 -35.05
C TYR B 192 9.51 7.68 -35.38
N LEU B 193 9.28 8.57 -34.40
CA LEU B 193 8.39 9.70 -34.62
C LEU B 193 8.88 10.58 -35.77
N ARG B 194 10.20 10.79 -35.86
CA ARG B 194 10.80 11.56 -36.94
C ARG B 194 10.50 10.97 -38.31
N SER B 195 10.56 9.65 -38.41
CA SER B 195 10.30 8.98 -39.68
C SER B 195 8.85 9.16 -40.08
N HIS B 196 8.01 9.63 -39.16
CA HIS B 196 6.61 9.84 -39.50
C HIS B 196 6.26 11.34 -39.51
N ASN B 197 7.31 12.16 -39.53
CA ASN B 197 7.16 13.63 -39.59
C ASN B 197 6.45 14.20 -38.36
N TYR B 198 6.76 13.63 -37.21
CA TYR B 198 6.10 13.98 -35.97
C TYR B 198 7.26 14.09 -35.00
N SER B 199 7.00 14.29 -33.71
CA SER B 199 8.10 14.43 -32.76
C SER B 199 7.50 14.22 -31.38
N TYR B 200 8.39 13.91 -30.44
CA TYR B 200 7.97 13.76 -29.06
C TYR B 200 7.25 15.00 -28.53
N ASP B 201 7.74 16.18 -28.85
CA ASP B 201 7.11 17.39 -28.29
C ASP B 201 5.73 17.61 -28.85
N GLN B 202 5.51 17.22 -30.09
CA GLN B 202 4.13 17.21 -30.59
C GLN B 202 3.23 16.23 -29.79
N LEU B 203 3.74 15.05 -29.47
CA LEU B 203 3.01 14.04 -28.70
C LEU B 203 2.72 14.61 -27.33
N TYR B 204 3.72 15.24 -26.73
CA TYR B 204 3.52 15.76 -25.37
C TYR B 204 2.43 16.84 -25.35
N ASP B 205 2.45 17.75 -26.31
CA ASP B 205 1.41 18.78 -26.37
C ASP B 205 0.03 18.15 -26.48
N LEU B 206 -0.05 17.04 -27.18
CA LEU B 206 -1.32 16.31 -27.32
C LEU B 206 -1.76 15.66 -26.01
N ILE B 207 -0.79 15.11 -25.29
CA ILE B 207 -1.04 14.58 -23.95
C ILE B 207 -1.56 15.67 -23.01
N ASN B 208 -0.89 16.82 -23.05
CA ASN B 208 -1.27 17.93 -22.19
C ASN B 208 -2.72 18.36 -22.48
N GLU B 209 -3.07 18.47 -23.75
CA GLU B 209 -4.41 18.92 -24.15
C GLU B 209 -5.43 17.88 -23.66
N LYS B 210 -5.13 16.61 -23.90
CA LYS B 210 -6.09 15.58 -23.58
C LYS B 210 -6.31 15.50 -22.07
N TYR B 211 -5.22 15.73 -21.32
CA TYR B 211 -5.30 15.80 -19.86
C TYR B 211 -6.19 16.96 -19.39
N LEU B 212 -5.97 18.13 -19.99
CA LEU B 212 -6.75 19.31 -19.61
C LEU B 212 -8.23 19.12 -19.97
N ILE B 213 -8.49 18.43 -21.07
CA ILE B 213 -9.85 18.10 -21.44
C ILE B 213 -10.49 17.20 -20.38
N LYS B 214 -9.78 16.14 -19.98
CA LYS B 214 -10.31 15.21 -18.99
C LYS B 214 -10.52 15.89 -17.65
N MET B 215 -9.65 16.84 -17.34
CA MET B 215 -9.72 17.60 -16.08
C MET B 215 -10.80 18.68 -16.17
N GLY B 216 -11.41 18.86 -17.33
CA GLY B 216 -12.46 19.84 -17.48
C GLY B 216 -11.96 21.28 -17.48
N LYS B 217 -10.72 21.47 -17.94
CA LYS B 217 -10.07 22.79 -17.99
C LYS B 217 -10.05 23.40 -19.40
N VAL B 218 -10.12 22.56 -20.43
CA VAL B 218 -10.29 23.05 -21.79
C VAL B 218 -11.42 22.28 -22.47
N ALA B 219 -11.95 22.86 -23.55
CA ALA B 219 -13.13 22.31 -24.20
C ALA B 219 -12.76 21.06 -24.98
N PRO B 220 -13.65 20.06 -24.97
CA PRO B 220 -13.43 18.86 -25.78
C PRO B 220 -13.51 19.21 -27.26
N TRP B 221 -13.09 18.27 -28.11
CA TRP B 221 -13.10 18.51 -29.54
C TRP B 221 -14.50 18.44 -30.14
N SER C 17 24.08 32.63 16.53
CA SER C 17 23.24 31.52 16.97
C SER C 17 21.79 31.79 16.59
N LEU C 18 20.92 30.90 17.04
CA LEU C 18 19.49 30.94 16.70
C LEU C 18 18.68 31.81 17.66
N PRO C 19 17.61 32.44 17.14
CA PRO C 19 16.84 33.30 18.03
C PRO C 19 15.96 32.40 18.89
N LYS C 20 15.56 32.90 20.05
CA LYS C 20 14.63 32.15 20.88
C LYS C 20 13.21 32.39 20.38
N TYR C 21 12.40 31.35 20.42
CA TYR C 21 11.01 31.43 19.97
C TYR C 21 10.24 32.43 20.81
N LYS C 22 9.47 33.31 20.17
CA LYS C 22 8.62 34.25 20.89
C LYS C 22 7.26 33.59 20.99
N PRO C 23 6.82 33.23 22.22
CA PRO C 23 5.53 32.55 22.29
C PRO C 23 4.43 33.38 21.65
N GLN C 24 3.52 32.74 20.93
CA GLN C 24 2.42 33.47 20.28
C GLN C 24 1.13 33.55 21.10
N VAL C 25 1.07 32.78 22.18
CA VAL C 25 0.01 32.96 23.16
C VAL C 25 0.66 32.72 24.50
N ASN C 26 0.26 33.50 25.49
CA ASN C 26 0.76 33.35 26.84
C ASN C 26 0.42 31.97 27.43
N SER C 27 1.32 31.45 28.26
CA SER C 27 1.11 30.15 28.89
C SER C 27 2.08 29.96 30.04
N SER C 28 1.59 30.06 31.27
CA SER C 28 2.48 29.84 32.40
C SER C 28 2.92 28.37 32.46
N ILE C 29 2.07 27.46 31.98
CA ILE C 29 2.48 26.05 31.92
C ILE C 29 3.58 25.82 30.90
N ASN C 30 3.45 26.42 29.72
CA ASN C 30 4.57 26.32 28.77
C ASN C 30 5.85 26.96 29.30
N ASP C 31 5.71 28.07 30.06
CA ASP C 31 6.88 28.71 30.66
C ASP C 31 7.54 27.76 31.61
N TYR C 32 6.73 27.03 32.37
CA TYR C 32 7.22 26.04 33.31
C TYR C 32 7.94 24.90 32.59
N ILE C 33 7.37 24.44 31.48
CA ILE C 33 7.92 23.29 30.77
C ILE C 33 9.29 23.68 30.21
N CYS C 34 9.33 24.87 29.62
CA CYS C 34 10.54 25.41 29.02
C CYS C 34 11.62 25.72 30.05
N LYS C 35 11.27 26.47 31.10
CA LYS C 35 12.29 26.92 32.06
C LYS C 35 12.91 25.71 32.79
N ASN C 36 12.15 24.65 32.98
CA ASN C 36 12.65 23.42 33.57
C ASN C 36 13.27 22.48 32.55
N ASN C 37 13.15 22.86 31.27
CA ASN C 37 13.71 22.08 30.17
C ASN C 37 13.30 20.62 30.23
N LEU C 38 12.00 20.39 30.41
CA LEU C 38 11.48 19.04 30.49
C LEU C 38 11.77 18.26 29.23
N LYS C 39 12.26 17.03 29.39
CA LYS C 39 12.61 16.20 28.26
C LYS C 39 11.57 15.10 28.11
N ALA C 40 10.96 15.03 26.93
CA ALA C 40 10.00 14.00 26.62
C ALA C 40 10.69 12.65 26.59
N PRO C 41 9.97 11.61 27.02
CA PRO C 41 10.56 10.26 26.99
C PRO C 41 10.66 9.78 25.56
N LYS C 42 11.42 8.69 25.38
CA LYS C 42 11.47 7.98 24.11
C LYS C 42 10.09 7.50 23.66
N ILE C 43 9.82 7.58 22.35
CA ILE C 43 8.61 7.03 21.78
C ILE C 43 8.78 5.52 21.78
N GLU C 44 7.91 4.84 22.49
CA GLU C 44 8.00 3.37 22.53
C GLU C 44 6.91 2.76 21.65
N GLU C 45 7.11 1.53 21.20
CA GLU C 45 6.12 0.90 20.34
C GLU C 45 5.35 -0.20 21.08
N ASP C 46 4.05 -0.25 20.84
CA ASP C 46 3.25 -1.38 21.24
C ASP C 46 2.25 -1.61 20.14
N TYR C 47 2.68 -2.30 19.08
CA TYR C 47 1.82 -2.54 17.92
C TYR C 47 0.98 -3.83 18.06
N THR C 48 0.01 -4.01 17.16
CA THR C 48 -0.92 -5.11 17.28
C THR C 48 -1.11 -5.74 15.92
N SER C 49 -0.84 -7.04 15.83
CA SER C 49 -0.81 -7.69 14.53
C SER C 49 -2.07 -7.64 13.69
N TYR C 50 -3.25 -7.57 14.35
CA TYR C 50 -4.49 -7.68 13.60
C TYR C 50 -5.12 -6.32 13.27
N PHE C 51 -4.51 -5.24 13.70
CA PHE C 51 -5.01 -3.90 13.29
C PHE C 51 -4.89 -3.79 11.76
N PRO C 52 -5.90 -3.19 11.12
CA PRO C 52 -5.83 -3.07 9.65
C PRO C 52 -4.88 -1.97 9.26
N LYS C 53 -4.47 -1.99 8.00
CA LYS C 53 -3.43 -1.08 7.46
C LYS C 53 -3.94 -0.47 6.17
N TYR C 54 -4.63 0.67 6.34
CA TYR C 54 -5.29 1.36 5.25
C TYR C 54 -4.56 2.65 4.91
N ALA C 55 -4.37 2.92 3.62
CA ALA C 55 -3.70 4.12 3.13
C ALA C 55 -4.51 5.38 3.44
N TYR C 56 -3.80 6.47 3.69
CA TYR C 56 -4.43 7.76 3.69
C TYR C 56 -4.90 8.09 2.26
N ARG C 57 -5.76 9.10 2.16
CA ARG C 57 -6.39 9.37 0.86
C ARG C 57 -5.36 9.82 -0.19
N ASN C 58 -4.23 10.37 0.26
CA ASN C 58 -3.15 10.80 -0.67
C ASN C 58 -2.06 9.73 -0.80
N GLY C 59 -2.25 8.61 -0.10
CA GLY C 59 -1.34 7.47 -0.23
C GLY C 59 -0.80 7.02 1.11
N VAL C 60 -0.20 5.82 1.10
CA VAL C 60 0.51 5.36 2.27
C VAL C 60 1.63 6.34 2.55
N GLY C 61 1.84 6.64 3.84
CA GLY C 61 2.90 7.55 4.22
C GLY C 61 2.64 9.02 3.90
N ARG C 62 1.39 9.35 3.58
CA ARG C 62 1.03 10.75 3.25
C ARG C 62 -0.11 11.33 4.11
N PRO C 63 0.06 11.33 5.44
CA PRO C 63 -0.89 12.04 6.30
C PRO C 63 -0.82 13.54 6.03
N GLU C 64 -1.92 14.20 6.34
CA GLU C 64 -2.05 15.63 6.07
C GLU C 64 -1.99 16.46 7.36
N GLY C 65 -1.91 15.80 8.51
CA GLY C 65 -1.82 16.50 9.78
C GLY C 65 -2.07 15.57 10.94
N ILE C 66 -2.38 16.13 12.10
CA ILE C 66 -2.46 15.35 13.33
C ILE C 66 -3.60 15.91 14.17
N VAL C 67 -4.31 15.02 14.88
CA VAL C 67 -5.47 15.40 15.68
C VAL C 67 -5.15 15.25 17.15
N VAL C 68 -5.58 16.25 17.91
CA VAL C 68 -5.45 16.21 19.36
C VAL C 68 -6.77 15.64 19.94
N HIS C 69 -6.67 14.50 20.62
CA HIS C 69 -7.79 13.85 21.31
C HIS C 69 -7.48 13.82 22.80
N ASP C 70 -8.51 13.70 23.63
CA ASP C 70 -8.27 13.20 24.99
C ASP C 70 -9.24 12.09 25.31
N THR C 71 -8.85 11.25 26.26
CA THR C 71 -9.57 10.00 26.47
C THR C 71 -10.95 10.18 27.10
N ALA C 72 -11.25 11.38 27.60
CA ALA C 72 -12.50 11.68 28.31
C ALA C 72 -12.74 10.74 29.48
N ASN C 73 -11.65 10.32 30.14
CA ASN C 73 -11.71 9.29 31.17
C ASN C 73 -10.79 9.68 32.32
N ASP C 74 -11.38 10.02 33.46
CA ASP C 74 -10.60 10.47 34.60
C ASP C 74 -10.08 9.32 35.45
N ARG C 75 -10.44 8.10 35.07
CA ARG C 75 -10.09 6.93 35.87
C ARG C 75 -9.04 6.04 35.24
N SER C 76 -8.77 6.17 33.95
CA SER C 76 -7.94 5.14 33.30
C SER C 76 -6.47 5.48 33.33
N THR C 77 -5.63 4.46 33.14
CA THR C 77 -4.22 4.63 32.91
C THR C 77 -3.92 4.36 31.44
N ILE C 78 -2.72 4.74 31.01
CA ILE C 78 -2.33 4.53 29.63
C ILE C 78 -2.40 3.02 29.32
N ASN C 79 -2.01 2.15 30.26
CA ASN C 79 -2.06 0.70 30.00
C ASN C 79 -3.50 0.21 29.79
N GLY C 80 -4.42 0.73 30.61
CA GLY C 80 -5.82 0.35 30.51
C GLY C 80 -6.42 0.81 29.19
N GLU C 81 -6.09 2.03 28.77
CA GLU C 81 -6.59 2.56 27.51
C GLU C 81 -6.12 1.70 26.37
N ILE C 82 -4.87 1.25 26.43
CA ILE C 82 -4.32 0.51 25.31
C ILE C 82 -4.93 -0.91 25.32
N SER C 83 -5.07 -1.51 26.50
CA SER C 83 -5.76 -2.79 26.59
C SER C 83 -7.18 -2.75 26.02
N TYR C 84 -7.93 -1.73 26.41
CA TYR C 84 -9.31 -1.61 25.91
C TYR C 84 -9.33 -1.43 24.37
N MET C 85 -8.42 -0.61 23.85
CA MET C 85 -8.37 -0.38 22.44
C MET C 85 -8.03 -1.68 21.66
N LYS C 86 -7.06 -2.43 22.16
CA LYS C 86 -6.71 -3.67 21.47
C LYS C 86 -7.92 -4.61 21.38
N ASN C 87 -8.78 -4.60 22.41
CA ASN C 87 -9.97 -5.46 22.41
C ASN C 87 -11.10 -4.91 21.56
N ASN C 88 -11.13 -3.58 21.37
CA ASN C 88 -12.26 -2.96 20.69
C ASN C 88 -11.86 -2.16 19.45
N TYR C 89 -10.81 -2.62 18.80
CA TYR C 89 -10.18 -1.90 17.72
C TYR C 89 -11.13 -1.73 16.53
N GLN C 90 -12.12 -2.61 16.36
CA GLN C 90 -13.04 -2.47 15.22
C GLN C 90 -13.95 -1.26 15.43
N ASN C 91 -14.05 -0.79 16.66
CA ASN C 91 -14.82 0.43 16.90
CA ASN C 91 -14.83 0.42 16.99
C ASN C 91 -13.93 1.65 16.85
N ALA C 92 -12.74 1.56 17.40
CA ALA C 92 -11.76 2.65 17.32
C ALA C 92 -10.36 2.17 17.66
N PHE C 93 -9.40 2.77 16.99
CA PHE C 93 -8.03 2.68 17.46
C PHE C 93 -7.32 3.94 17.01
N VAL C 94 -6.23 4.28 17.70
CA VAL C 94 -5.43 5.46 17.38
C VAL C 94 -3.95 5.13 17.22
N HIS C 95 -3.19 6.14 16.81
CA HIS C 95 -1.75 5.96 16.54
C HIS C 95 -0.89 5.98 17.79
N ALA C 96 -1.27 6.78 18.78
CA ALA C 96 -0.44 6.88 19.97
C ALA C 96 -1.22 7.42 21.14
N PHE C 97 -0.69 7.13 22.35
CA PHE C 97 -1.19 7.72 23.59
C PHE C 97 -0.02 8.41 24.30
N VAL C 98 -0.28 9.55 24.95
CA VAL C 98 0.69 10.13 25.84
C VAL C 98 0.12 10.29 27.23
N ASP C 99 0.96 10.09 28.23
CA ASP C 99 0.64 10.56 29.60
C ASP C 99 1.82 11.37 30.17
N GLY C 100 1.92 11.52 31.49
CA GLY C 100 3.02 12.27 32.05
C GLY C 100 4.38 11.56 32.02
N ASP C 101 4.38 10.28 31.68
CA ASP C 101 5.56 9.44 31.85
C ASP C 101 6.00 8.77 30.56
N ARG C 102 5.06 8.61 29.63
CA ARG C 102 5.28 7.76 28.47
C ARG C 102 4.67 8.31 27.21
N ILE C 103 5.30 7.99 26.09
CA ILE C 103 4.71 8.19 24.76
C ILE C 103 4.67 6.82 24.11
N ILE C 104 3.48 6.29 23.80
CA ILE C 104 3.39 4.90 23.32
C ILE C 104 2.69 4.89 21.98
N GLU C 105 3.41 4.50 20.95
CA GLU C 105 2.83 4.44 19.63
C GLU C 105 2.24 3.05 19.40
N THR C 106 0.95 3.03 19.06
CA THR C 106 0.14 1.82 18.98
C THR C 106 -0.27 1.46 17.53
N ALA C 107 0.08 2.32 16.59
CA ALA C 107 -0.09 1.96 15.19
C ALA C 107 0.86 2.79 14.37
N PRO C 108 1.37 2.22 13.27
CA PRO C 108 2.34 3.00 12.46
C PRO C 108 1.71 4.19 11.78
N THR C 109 2.48 5.27 11.68
CA THR C 109 1.87 6.51 11.25
C THR C 109 1.69 6.55 9.70
N ASP C 110 2.30 5.61 8.99
CA ASP C 110 2.14 5.61 7.55
C ASP C 110 0.80 5.11 7.08
N TYR C 111 0.05 4.48 7.96
CA TYR C 111 -1.31 4.06 7.66
C TYR C 111 -2.26 4.79 8.60
N LEU C 112 -3.52 4.90 8.19
CA LEU C 112 -4.50 5.60 9.01
C LEU C 112 -4.82 4.82 10.32
N SER C 113 -5.48 5.52 11.24
CA SER C 113 -6.12 4.83 12.37
C SER C 113 -7.60 5.15 12.42
N TRP C 114 -8.36 4.31 13.13
CA TRP C 114 -9.79 4.53 13.24
C TRP C 114 -10.11 5.39 14.45
N GLY C 115 -9.80 6.67 14.35
CA GLY C 115 -9.77 7.52 15.56
C GLY C 115 -10.74 8.69 15.57
N VAL C 116 -11.20 9.15 14.41
CA VAL C 116 -11.88 10.46 14.36
C VAL C 116 -13.00 10.47 13.30
N GLY C 117 -13.39 9.27 12.88
CA GLY C 117 -14.50 9.10 11.95
C GLY C 117 -14.08 9.06 10.49
N ALA C 118 -15.06 8.78 9.63
CA ALA C 118 -14.79 8.43 8.24
C ALA C 118 -14.18 9.54 7.37
N VAL C 119 -14.35 10.78 7.78
CA VAL C 119 -13.85 11.89 6.97
C VAL C 119 -12.45 12.26 7.37
N GLY C 120 -12.20 12.37 8.68
CA GLY C 120 -10.87 12.68 9.18
C GLY C 120 -9.87 11.51 9.15
N ASN C 121 -10.35 10.28 9.31
CA ASN C 121 -9.40 9.14 9.35
C ASN C 121 -8.48 8.99 8.12
N PRO C 122 -9.02 9.19 6.90
CA PRO C 122 -8.08 9.10 5.77
C PRO C 122 -7.13 10.28 5.66
N ARG C 123 -7.14 11.21 6.61
CA ARG C 123 -6.29 12.39 6.50
C ARG C 123 -5.23 12.51 7.60
N PHE C 124 -5.56 12.12 8.82
CA PHE C 124 -4.77 12.58 9.97
C PHE C 124 -4.27 11.52 10.93
N ILE C 125 -3.07 11.74 11.46
CA ILE C 125 -2.53 10.91 12.57
C ILE C 125 -3.39 11.23 13.82
N ASN C 126 -3.84 10.20 14.55
CA ASN C 126 -4.70 10.38 15.75
C ASN C 126 -3.92 10.10 17.04
N VAL C 127 -3.87 11.05 17.97
CA VAL C 127 -3.07 10.88 19.18
C VAL C 127 -3.90 11.27 20.38
N GLU C 128 -3.93 10.39 21.37
CA GLU C 128 -4.77 10.55 22.58
C GLU C 128 -3.98 11.00 23.79
N ILE C 129 -4.47 12.05 24.45
CA ILE C 129 -3.90 12.45 25.73
C ILE C 129 -4.64 11.72 26.85
N VAL C 130 -3.90 10.89 27.60
CA VAL C 130 -4.42 10.26 28.81
C VAL C 130 -4.53 11.28 29.94
N HIS C 131 -5.55 11.15 30.80
CA HIS C 131 -5.74 12.14 31.85
C HIS C 131 -4.71 11.98 32.95
N THR C 132 -4.27 13.13 33.48
CA THR C 132 -3.33 13.18 34.57
C THR C 132 -3.92 13.92 35.77
N HIS C 133 -3.26 13.81 36.91
CA HIS C 133 -3.89 14.26 38.14
C HIS C 133 -3.05 15.13 39.07
N ASP C 134 -1.97 15.71 38.56
CA ASP C 134 -1.22 16.72 39.33
C ASP C 134 -0.56 17.64 38.34
N TYR C 135 -0.14 18.82 38.80
CA TYR C 135 0.39 19.84 37.90
C TYR C 135 1.56 19.31 37.07
N ALA C 136 2.53 18.72 37.74
CA ALA C 136 3.75 18.31 37.05
C ALA C 136 3.47 17.26 35.99
N SER C 137 2.65 16.25 36.33
CA SER C 137 2.31 15.19 35.38
C SER C 137 1.55 15.76 34.20
N PHE C 138 0.65 16.69 34.46
CA PHE C 138 -0.07 17.28 33.33
C PHE C 138 0.88 18.04 32.40
N ALA C 139 1.76 18.83 33.00
CA ALA C 139 2.75 19.61 32.23
C ALA C 139 3.60 18.67 31.36
N ARG C 140 4.12 17.60 31.96
CA ARG C 140 4.82 16.61 31.19
C ARG C 140 4.00 16.04 30.05
N SER C 141 2.73 15.73 30.30
CA SER C 141 1.91 15.18 29.23
C SER C 141 1.71 16.13 28.04
N MET C 142 1.65 17.44 28.32
CA MET C 142 1.54 18.42 27.22
C MET C 142 2.87 18.49 26.49
N ASN C 143 3.98 18.48 27.22
CA ASN C 143 5.32 18.46 26.58
C ASN C 143 5.45 17.23 25.67
N ASN C 144 4.91 16.11 26.15
CA ASN C 144 5.01 14.82 25.46
C ASN C 144 4.11 14.79 24.25
N TYR C 145 2.89 15.32 24.36
CA TYR C 145 2.05 15.42 23.17
C TYR C 145 2.80 16.27 22.14
N ALA C 146 3.24 17.45 22.57
CA ALA C 146 3.88 18.38 21.64
C ALA C 146 5.14 17.81 20.99
N ASP C 147 5.94 17.05 21.76
CA ASP C 147 7.14 16.45 21.20
C ASP C 147 6.76 15.46 20.13
N TYR C 148 5.81 14.59 20.45
CA TYR C 148 5.37 13.61 19.48
C TYR C 148 4.81 14.28 18.24
N ALA C 149 3.96 15.28 18.43
CA ALA C 149 3.32 15.90 17.29
C ALA C 149 4.32 16.67 16.42
N ALA C 150 5.21 17.44 17.06
CA ALA C 150 6.26 18.14 16.28
C ALA C 150 7.17 17.15 15.53
N THR C 151 7.45 16.00 16.17
CA THR C 151 8.26 14.97 15.53
C THR C 151 7.59 14.50 14.26
N GLN C 152 6.29 14.20 14.35
CA GLN C 152 5.54 13.74 13.17
C GLN C 152 5.43 14.79 12.08
N LEU C 153 5.20 16.05 12.46
CA LEU C 153 5.09 17.09 11.46
C LEU C 153 6.42 17.26 10.73
N GLN C 154 7.51 17.33 11.47
CA GLN C 154 8.81 17.34 10.81
C GLN C 154 9.09 16.12 9.92
N TYR C 155 8.73 14.92 10.39
CA TYR C 155 9.04 13.72 9.63
C TYR C 155 8.30 13.70 8.30
N TYR C 156 7.10 14.27 8.30
CA TYR C 156 6.25 14.20 7.11
C TYR C 156 6.31 15.48 6.29
N GLY C 157 7.16 16.40 6.71
CA GLY C 157 7.35 17.65 5.96
C GLY C 157 6.11 18.53 5.98
N LEU C 158 5.40 18.53 7.10
CA LEU C 158 4.15 19.30 7.28
C LEU C 158 4.37 20.44 8.26
N LYS C 159 4.15 21.69 7.83
CA LYS C 159 4.45 22.79 8.72
C LYS C 159 3.22 23.01 9.58
N PRO C 160 3.40 23.32 10.87
CA PRO C 160 2.25 23.55 11.76
C PRO C 160 1.35 24.67 11.25
N ASP C 161 0.04 24.39 11.22
CA ASP C 161 -0.97 25.36 10.80
C ASP C 161 -2.21 24.88 11.52
N SER C 162 -2.72 25.70 12.43
CA SER C 162 -3.88 25.31 13.24
C SER C 162 -5.18 25.46 12.46
N ALA C 163 -6.00 24.41 12.45
CA ALA C 163 -7.30 24.39 11.76
C ALA C 163 -8.47 24.87 12.60
N GLU C 164 -8.21 25.24 13.85
CA GLU C 164 -9.31 25.46 14.80
C GLU C 164 -10.36 26.50 14.39
N TYR C 165 -9.89 27.59 13.82
CA TYR C 165 -10.77 28.73 13.57
C TYR C 165 -11.06 28.94 12.08
N ASP C 166 -10.36 28.20 11.22
CA ASP C 166 -10.54 28.35 9.75
C ASP C 166 -10.76 27.05 8.99
N GLY C 167 -10.69 25.91 9.69
CA GLY C 167 -11.00 24.63 9.07
C GLY C 167 -9.97 24.19 8.05
N ASN C 168 -8.75 24.69 8.18
CA ASN C 168 -7.70 24.34 7.23
C ASN C 168 -6.38 24.23 7.95
N GLY C 169 -5.63 23.16 7.77
CA GLY C 169 -4.37 23.16 8.47
C GLY C 169 -3.85 21.77 8.72
N THR C 170 -2.79 21.70 9.54
CA THR C 170 -2.13 20.43 9.80
C THR C 170 -2.26 20.01 11.28
N VAL C 171 -2.76 20.91 12.13
CA VAL C 171 -3.03 20.53 13.51
C VAL C 171 -4.52 20.77 13.77
N TRP C 172 -5.22 19.71 14.15
CA TRP C 172 -6.67 19.71 14.34
C TRP C 172 -7.02 19.20 15.74
N THR C 173 -8.00 19.78 16.38
CA THR C 173 -8.63 19.10 17.51
C THR C 173 -9.74 18.18 17.02
N HIS C 174 -10.13 17.21 17.86
CA HIS C 174 -11.28 16.39 17.52
C HIS C 174 -12.49 17.30 17.32
N TYR C 175 -12.64 18.31 18.19
CA TYR C 175 -13.69 19.32 18.01
C TYR C 175 -13.70 19.91 16.62
N ALA C 176 -12.51 20.30 16.12
CA ALA C 176 -12.47 20.95 14.81
C ALA C 176 -12.88 19.98 13.72
N VAL C 177 -12.46 18.71 13.81
CA VAL C 177 -12.89 17.73 12.82
C VAL C 177 -14.40 17.61 12.85
N SER C 178 -14.98 17.54 14.05
CA SER C 178 -16.45 17.48 14.20
C SER C 178 -17.11 18.67 13.52
N LYS C 179 -16.49 19.84 13.72
CA LYS C 179 -17.12 21.07 13.27
C LYS C 179 -17.00 21.30 11.77
N TYR C 180 -15.82 21.08 11.21
CA TYR C 180 -15.55 21.43 9.81
C TYR C 180 -15.71 20.26 8.83
N LEU C 181 -15.47 19.04 9.31
CA LEU C 181 -15.43 17.86 8.45
C LEU C 181 -16.59 16.90 8.71
N GLY C 182 -17.01 16.82 9.96
CA GLY C 182 -18.09 15.90 10.29
C GLY C 182 -17.58 14.48 10.37
N GLY C 183 -18.53 13.55 10.37
CA GLY C 183 -18.22 12.13 10.58
C GLY C 183 -17.99 11.75 12.03
N THR C 184 -18.07 12.74 12.92
CA THR C 184 -17.87 12.55 14.35
C THR C 184 -18.51 13.77 15.04
N ASP C 185 -18.84 13.65 16.33
CA ASP C 185 -19.45 14.73 17.06
C ASP C 185 -18.76 15.02 18.40
N HIS C 186 -17.57 14.48 18.60
CA HIS C 186 -16.87 14.75 19.88
C HIS C 186 -16.25 16.15 19.96
N ALA C 187 -16.03 16.62 21.17
CA ALA C 187 -15.65 18.02 21.42
C ALA C 187 -14.27 18.13 22.09
N ASP C 188 -13.55 17.02 22.23
CA ASP C 188 -12.27 17.09 22.89
C ASP C 188 -11.24 17.87 22.04
N PRO C 189 -10.17 18.37 22.66
CA PRO C 189 -9.76 18.29 24.07
C PRO C 189 -10.11 19.56 24.85
N HIS C 190 -10.91 20.46 24.32
CA HIS C 190 -11.06 21.81 24.95
C HIS C 190 -11.42 21.79 26.44
N GLY C 191 -12.44 21.02 26.80
CA GLY C 191 -12.91 20.93 28.19
C GLY C 191 -11.82 20.40 29.11
N TYR C 192 -11.18 19.33 28.67
CA TYR C 192 -10.14 18.72 29.47
C TYR C 192 -8.97 19.70 29.71
N LEU C 193 -8.44 20.28 28.65
CA LEU C 193 -7.31 21.19 28.81
C LEU C 193 -7.72 22.36 29.71
N ARG C 194 -8.95 22.85 29.55
CA ARG C 194 -9.43 23.95 30.38
C ARG C 194 -9.42 23.59 31.88
N SER C 195 -9.78 22.34 32.19
CA SER C 195 -9.89 21.90 33.57
C SER C 195 -8.51 21.83 34.24
N HIS C 196 -7.46 21.86 33.44
CA HIS C 196 -6.10 21.93 33.98
C HIS C 196 -5.45 23.29 33.72
N ASN C 197 -6.24 24.33 33.51
CA ASN C 197 -5.70 25.68 33.31
C ASN C 197 -4.80 25.84 32.10
N TYR C 198 -5.17 25.12 31.05
CA TYR C 198 -4.38 25.09 29.82
C TYR C 198 -5.39 25.24 28.70
N SER C 199 -4.91 25.20 27.47
CA SER C 199 -5.82 25.31 26.33
C SER C 199 -5.20 24.71 25.08
N TYR C 200 -6.03 24.44 24.09
CA TYR C 200 -5.56 23.96 22.83
C TYR C 200 -4.58 24.95 22.19
N ASP C 201 -4.87 26.25 22.23
CA ASP C 201 -3.94 27.18 21.57
C ASP C 201 -2.59 27.23 22.28
N GLN C 202 -2.58 27.03 23.59
CA GLN C 202 -1.29 26.94 24.28
C GLN C 202 -0.56 25.68 23.82
N LEU C 203 -1.29 24.58 23.63
CA LEU C 203 -0.64 23.35 23.14
C LEU C 203 -0.09 23.52 21.72
N TYR C 204 -0.88 24.18 20.88
CA TYR C 204 -0.45 24.46 19.52
C TYR C 204 0.82 25.29 19.54
N ASP C 205 0.88 26.33 20.40
CA ASP C 205 2.10 27.15 20.45
C ASP C 205 3.30 26.29 20.83
N LEU C 206 3.09 25.32 21.72
CA LEU C 206 4.21 24.47 22.13
C LEU C 206 4.63 23.52 21.00
N ILE C 207 3.65 23.02 20.26
CA ILE C 207 3.94 22.18 19.11
C ILE C 207 4.74 22.99 18.08
N ASN C 208 4.30 24.24 17.84
CA ASN C 208 4.97 25.09 16.86
C ASN C 208 6.41 25.37 17.27
N GLU C 209 6.59 25.68 18.55
CA GLU C 209 7.93 25.89 19.08
C GLU C 209 8.83 24.66 18.88
N LYS C 210 8.35 23.50 19.28
CA LYS C 210 9.19 22.31 19.19
C LYS C 210 9.47 21.95 17.74
N TYR C 211 8.51 22.18 16.85
CA TYR C 211 8.75 21.93 15.45
C TYR C 211 9.91 22.81 14.95
N LEU C 212 9.88 24.10 15.29
CA LEU C 212 10.91 25.05 14.84
C LEU C 212 12.29 24.71 15.45
N ILE C 213 12.29 24.22 16.68
CA ILE C 213 13.53 23.73 17.28
C ILE C 213 14.06 22.54 16.48
N LYS C 214 13.15 21.62 16.14
CA LYS C 214 13.58 20.43 15.39
C LYS C 214 14.03 20.78 13.99
N MET C 215 13.48 21.85 13.44
CA MET C 215 13.89 22.30 12.09
C MET C 215 15.13 23.17 12.12
N GLY C 216 15.61 23.50 13.32
CA GLY C 216 16.81 24.33 13.43
C GLY C 216 16.54 25.79 13.14
N LYS C 217 15.31 26.24 13.37
CA LYS C 217 14.93 27.65 13.13
C LYS C 217 14.95 28.52 14.38
N VAL C 218 14.80 27.90 15.54
CA VAL C 218 14.91 28.64 16.80
C VAL C 218 15.74 27.86 17.81
N ALA C 219 16.22 28.55 18.83
CA ALA C 219 17.14 27.94 19.79
C ALA C 219 16.50 26.80 20.56
N PRO C 220 17.25 25.71 20.78
CA PRO C 220 16.76 24.67 21.70
C PRO C 220 16.67 25.25 23.11
N TRP C 221 15.80 24.70 23.96
CA TRP C 221 15.81 25.08 25.37
C TRP C 221 17.15 24.75 26.03
N GLY C 222 17.45 25.40 27.15
CA GLY C 222 18.68 25.11 27.86
C GLY C 222 19.91 25.70 27.18
N THR C 223 19.69 26.65 26.29
CA THR C 223 20.80 27.42 25.69
C THR C 223 20.68 28.89 26.09
N LEU D 18 -6.17 -33.76 -23.63
CA LEU D 18 -6.86 -33.31 -22.42
C LEU D 18 -8.27 -33.85 -22.35
N PRO D 19 -8.71 -34.22 -21.13
CA PRO D 19 -10.10 -34.63 -21.00
C PRO D 19 -11.04 -33.43 -21.15
N LYS D 20 -12.22 -33.66 -21.71
CA LYS D 20 -13.25 -32.64 -21.71
C LYS D 20 -13.81 -32.63 -20.29
N TYR D 21 -14.19 -31.45 -19.82
CA TYR D 21 -14.71 -31.30 -18.48
C TYR D 21 -16.02 -32.05 -18.33
N LYS D 22 -16.18 -32.75 -17.21
CA LYS D 22 -17.45 -33.41 -16.92
C LYS D 22 -18.30 -32.51 -16.01
N PRO D 23 -19.39 -31.98 -16.55
CA PRO D 23 -20.20 -31.02 -15.77
C PRO D 23 -20.73 -31.68 -14.50
N GLN D 24 -20.67 -30.96 -13.39
CA GLN D 24 -21.03 -31.57 -12.11
C GLN D 24 -22.49 -31.31 -11.84
N VAL D 25 -23.07 -30.46 -12.67
CA VAL D 25 -24.50 -30.20 -12.62
C VAL D 25 -25.03 -30.14 -14.05
N ASN D 26 -26.22 -30.72 -14.25
CA ASN D 26 -26.92 -30.64 -15.51
C ASN D 26 -27.35 -29.20 -15.74
N SER D 27 -26.98 -28.63 -16.88
CA SER D 27 -27.40 -27.28 -17.23
C SER D 27 -27.56 -27.13 -18.73
N SER D 28 -28.80 -26.95 -19.19
CA SER D 28 -29.01 -26.81 -20.63
C SER D 28 -28.45 -25.47 -21.07
N ILE D 29 -28.46 -24.49 -20.19
CA ILE D 29 -27.87 -23.21 -20.54
C ILE D 29 -26.35 -23.30 -20.75
N ASN D 30 -25.65 -23.97 -19.86
CA ASN D 30 -24.21 -24.18 -20.03
C ASN D 30 -23.91 -25.03 -21.27
N ASP D 31 -24.78 -25.98 -21.55
CA ASP D 31 -24.69 -26.80 -22.76
C ASP D 31 -24.72 -25.90 -23.98
N TYR D 32 -25.68 -24.98 -23.97
CA TYR D 32 -25.87 -24.01 -25.04
C TYR D 32 -24.63 -23.12 -25.22
N ILE D 33 -24.11 -22.59 -24.13
CA ILE D 33 -22.93 -21.73 -24.19
C ILE D 33 -21.73 -22.50 -24.77
N CYS D 34 -21.54 -23.71 -24.26
CA CYS D 34 -20.45 -24.55 -24.69
C CYS D 34 -20.61 -25.01 -26.14
N LYS D 35 -21.79 -25.51 -26.46
CA LYS D 35 -22.10 -25.98 -27.82
C LYS D 35 -21.86 -24.90 -28.86
N ASN D 36 -22.21 -23.66 -28.53
CA ASN D 36 -22.01 -22.56 -29.46
C ASN D 36 -20.65 -21.88 -29.36
N ASN D 37 -19.84 -22.34 -28.40
CA ASN D 37 -18.47 -21.85 -28.22
C ASN D 37 -18.43 -20.33 -28.04
N LEU D 38 -19.33 -19.84 -27.21
CA LEU D 38 -19.40 -18.41 -26.93
C LEU D 38 -18.11 -17.86 -26.36
N LYS D 39 -17.65 -16.76 -26.93
CA LYS D 39 -16.41 -16.12 -26.50
C LYS D 39 -16.70 -14.82 -25.76
N ALA D 40 -16.17 -14.71 -24.55
CA ALA D 40 -16.32 -13.51 -23.76
C ALA D 40 -15.59 -12.36 -24.44
N PRO D 41 -16.11 -11.15 -24.29
CA PRO D 41 -15.41 -9.99 -24.88
C PRO D 41 -14.14 -9.67 -24.09
N LYS D 42 -13.26 -8.84 -24.63
CA LYS D 42 -12.13 -8.39 -23.83
C LYS D 42 -12.63 -7.54 -22.66
N ILE D 43 -11.92 -7.62 -21.54
CA ILE D 43 -12.20 -6.79 -20.39
C ILE D 43 -11.88 -5.33 -20.71
N GLU D 44 -12.85 -4.44 -20.55
CA GLU D 44 -12.64 -2.99 -20.75
C GLU D 44 -12.43 -2.33 -19.42
N GLU D 45 -11.64 -1.26 -19.39
CA GLU D 45 -11.52 -0.50 -18.15
C GLU D 45 -12.35 0.79 -18.15
N ASP D 46 -12.86 1.15 -16.98
CA ASP D 46 -13.48 2.45 -16.82
C ASP D 46 -13.28 2.80 -15.37
N TYR D 47 -12.08 3.31 -15.05
CA TYR D 47 -11.74 3.58 -13.66
C TYR D 47 -12.09 5.02 -13.27
N THR D 48 -12.00 5.30 -11.98
CA THR D 48 -12.45 6.61 -11.47
C THR D 48 -11.42 7.12 -10.47
N SER D 49 -10.91 8.32 -10.72
CA SER D 49 -9.75 8.80 -9.99
C SER D 49 -10.00 8.95 -8.52
N TYR D 50 -11.24 9.26 -8.15
CA TYR D 50 -11.57 9.51 -6.74
C TYR D 50 -12.07 8.31 -5.95
N PHE D 51 -12.14 7.15 -6.57
CA PHE D 51 -12.43 5.93 -5.79
C PHE D 51 -11.25 5.67 -4.83
N PRO D 52 -11.55 5.23 -3.61
CA PRO D 52 -10.45 4.96 -2.65
C PRO D 52 -9.76 3.65 -2.98
N LYS D 53 -8.57 3.50 -2.45
CA LYS D 53 -7.75 2.30 -2.73
C LYS D 53 -7.19 1.68 -1.44
N TYR D 54 -7.97 0.71 -0.96
CA TYR D 54 -7.76 0.10 0.34
C TYR D 54 -7.34 -1.34 0.15
N ALA D 55 -6.32 -1.73 0.90
CA ALA D 55 -5.76 -3.06 0.81
C ALA D 55 -6.76 -4.11 1.30
N TYR D 56 -6.71 -5.31 0.71
CA TYR D 56 -7.38 -6.43 1.34
C TYR D 56 -6.73 -6.78 2.68
N ARG D 57 -7.39 -7.61 3.47
CA ARG D 57 -6.88 -7.86 4.83
C ARG D 57 -5.54 -8.59 4.83
N ASN D 58 -5.26 -9.36 3.78
CA ASN D 58 -3.98 -10.07 3.68
C ASN D 58 -2.97 -9.26 2.87
N GLY D 59 -3.38 -8.08 2.42
CA GLY D 59 -2.46 -7.21 1.71
C GLY D 59 -2.99 -6.74 0.37
N VAL D 60 -2.33 -5.71 -0.18
CA VAL D 60 -2.65 -5.31 -1.54
C VAL D 60 -2.38 -6.48 -2.47
N GLY D 61 -3.26 -6.68 -3.47
CA GLY D 61 -3.06 -7.76 -4.42
C GLY D 61 -3.28 -9.15 -3.84
N ARG D 62 -3.92 -9.26 -2.67
CA ARG D 62 -4.16 -10.60 -2.10
C ARG D 62 -5.64 -10.84 -1.79
N PRO D 63 -6.51 -10.71 -2.81
CA PRO D 63 -7.91 -11.06 -2.53
C PRO D 63 -8.02 -12.55 -2.24
N GLU D 64 -9.11 -12.91 -1.56
CA GLU D 64 -9.36 -14.30 -1.12
C GLU D 64 -10.41 -15.01 -1.93
N GLY D 65 -11.11 -14.28 -2.79
CA GLY D 65 -12.19 -14.90 -3.54
C GLY D 65 -12.94 -13.88 -4.33
N ILE D 66 -14.08 -14.28 -4.89
CA ILE D 66 -14.87 -13.37 -5.72
C ILE D 66 -16.36 -13.54 -5.39
N VAL D 67 -17.09 -12.43 -5.44
CA VAL D 67 -18.49 -12.48 -5.07
C VAL D 67 -19.40 -12.33 -6.30
N VAL D 68 -20.44 -13.14 -6.37
CA VAL D 68 -21.51 -12.99 -7.38
C VAL D 68 -22.65 -12.10 -6.87
N HIS D 69 -22.84 -10.94 -7.52
CA HIS D 69 -23.92 -10.00 -7.22
C HIS D 69 -24.80 -9.90 -8.47
N ASP D 70 -26.05 -9.44 -8.33
CA ASP D 70 -26.77 -8.94 -9.49
C ASP D 70 -27.37 -7.60 -9.11
N THR D 71 -27.67 -6.77 -10.09
CA THR D 71 -28.08 -5.38 -9.81
C THR D 71 -29.47 -5.20 -9.24
N ALA D 72 -30.26 -6.27 -9.25
CA ALA D 72 -31.65 -6.23 -8.80
C ALA D 72 -32.42 -5.09 -9.51
N ASN D 73 -32.08 -4.87 -10.77
CA ASN D 73 -32.66 -3.78 -11.57
C ASN D 73 -33.01 -4.29 -12.97
N ASP D 74 -34.30 -4.39 -13.26
CA ASP D 74 -34.76 -4.88 -14.55
C ASP D 74 -34.83 -3.83 -15.65
N ARG D 75 -34.47 -2.59 -15.34
CA ARG D 75 -34.62 -1.52 -16.32
C ARG D 75 -33.32 -0.84 -16.71
N SER D 76 -32.25 -1.11 -15.98
CA SER D 76 -30.99 -0.41 -16.18
C SER D 76 -30.10 -1.07 -17.23
N THR D 77 -29.15 -0.30 -17.74
CA THR D 77 -28.21 -0.78 -18.71
C THR D 77 -26.85 -0.76 -18.03
N ILE D 78 -25.86 -1.41 -18.62
CA ILE D 78 -24.55 -1.43 -17.95
C ILE D 78 -24.02 0.01 -17.83
N ASN D 79 -24.25 0.85 -18.83
CA ASN D 79 -23.78 2.24 -18.75
C ASN D 79 -24.47 3.03 -17.63
N GLY D 80 -25.78 2.81 -17.48
CA GLY D 80 -26.53 3.43 -16.41
C GLY D 80 -26.05 2.99 -15.04
N GLU D 81 -25.79 1.69 -14.88
CA GLU D 81 -25.27 1.18 -13.60
C GLU D 81 -23.92 1.84 -13.26
N ILE D 82 -23.07 2.01 -14.25
CA ILE D 82 -21.73 2.52 -13.99
C ILE D 82 -21.79 4.02 -13.66
N SER D 83 -22.63 4.75 -14.38
CA SER D 83 -22.83 6.17 -14.08
C SER D 83 -23.37 6.38 -12.68
N TYR D 84 -24.40 5.59 -12.35
CA TYR D 84 -24.99 5.65 -11.04
C TYR D 84 -23.95 5.35 -9.98
N MET D 85 -23.13 4.33 -10.22
CA MET D 85 -22.13 3.94 -9.21
C MET D 85 -21.11 5.05 -9.01
N LYS D 86 -20.67 5.65 -10.10
CA LYS D 86 -19.73 6.77 -9.95
C LYS D 86 -20.25 7.90 -9.09
N ASN D 87 -21.56 8.18 -9.19
CA ASN D 87 -22.16 9.23 -8.41
C ASN D 87 -22.37 8.83 -6.96
N ASN D 88 -22.47 7.51 -6.70
CA ASN D 88 -22.93 7.09 -5.38
C ASN D 88 -21.93 6.16 -4.75
N TYR D 89 -20.67 6.38 -5.10
CA TYR D 89 -19.62 5.42 -4.76
C TYR D 89 -19.37 5.35 -3.27
N GLN D 90 -19.74 6.38 -2.52
CA GLN D 90 -19.55 6.37 -1.07
C GLN D 90 -20.52 5.38 -0.42
N ASN D 91 -21.62 5.10 -1.12
CA ASN D 91 -22.56 4.11 -0.63
C ASN D 91 -22.11 2.72 -1.07
N ALA D 92 -21.71 2.59 -2.35
CA ALA D 92 -21.26 1.30 -2.85
C ALA D 92 -20.49 1.48 -4.16
N PHE D 93 -19.43 0.70 -4.35
CA PHE D 93 -18.88 0.53 -5.68
C PHE D 93 -18.32 -0.88 -5.79
N VAL D 94 -18.19 -1.37 -7.02
CA VAL D 94 -17.74 -2.74 -7.22
C VAL D 94 -16.57 -2.73 -8.22
N HIS D 95 -15.94 -3.90 -8.37
CA HIS D 95 -14.82 -4.09 -9.28
C HIS D 95 -15.23 -4.20 -10.74
N ALA D 96 -16.39 -4.80 -11.04
CA ALA D 96 -16.75 -4.96 -12.46
C ALA D 96 -18.23 -5.23 -12.66
N PHE D 97 -18.68 -4.95 -13.89
CA PHE D 97 -20.00 -5.26 -14.36
C PHE D 97 -19.92 -6.14 -15.60
N VAL D 98 -20.82 -7.11 -15.72
CA VAL D 98 -20.94 -7.85 -16.96
C VAL D 98 -22.37 -7.80 -17.48
N ASP D 99 -22.54 -7.71 -18.79
CA ASP D 99 -23.83 -8.00 -19.37
C ASP D 99 -23.66 -9.01 -20.52
N GLY D 100 -24.63 -9.02 -21.43
CA GLY D 100 -24.56 -9.88 -22.61
C GLY D 100 -23.54 -9.47 -23.65
N ASP D 101 -22.97 -8.27 -23.54
CA ASP D 101 -22.09 -7.79 -24.61
C ASP D 101 -20.70 -7.31 -24.17
N ARG D 102 -20.59 -6.93 -22.91
CA ARG D 102 -19.42 -6.30 -22.35
C ARG D 102 -19.06 -6.79 -20.95
N ILE D 103 -17.76 -6.72 -20.65
CA ILE D 103 -17.19 -6.91 -19.33
C ILE D 103 -16.44 -5.62 -19.03
N ILE D 104 -16.90 -4.87 -18.04
CA ILE D 104 -16.30 -3.57 -17.75
C ILE D 104 -15.77 -3.53 -16.34
N GLU D 105 -14.46 -3.41 -16.23
CA GLU D 105 -13.85 -3.30 -14.89
C GLU D 105 -13.78 -1.85 -14.42
N THR D 106 -14.34 -1.61 -13.24
CA THR D 106 -14.51 -0.25 -12.74
C THR D 106 -13.63 0.08 -11.52
N ALA D 107 -12.86 -0.89 -11.04
CA ALA D 107 -11.91 -0.64 -9.98
C ALA D 107 -10.85 -1.71 -10.04
N PRO D 108 -9.59 -1.35 -9.75
CA PRO D 108 -8.51 -2.35 -9.85
C PRO D 108 -8.73 -3.48 -8.84
N THR D 109 -8.46 -4.70 -9.29
CA THR D 109 -8.72 -5.84 -8.45
C THR D 109 -7.71 -6.03 -7.31
N ASP D 110 -6.61 -5.29 -7.34
CA ASP D 110 -5.65 -5.44 -6.25
C ASP D 110 -6.01 -4.72 -4.99
N TYR D 111 -7.00 -3.84 -5.10
CA TYR D 111 -7.56 -3.16 -3.94
C TYR D 111 -9.01 -3.57 -3.76
N LEU D 112 -9.56 -3.42 -2.56
CA LEU D 112 -10.96 -3.78 -2.30
C LEU D 112 -11.93 -2.82 -3.02
N SER D 113 -13.19 -3.23 -3.09
CA SER D 113 -14.28 -2.35 -3.46
C SER D 113 -15.37 -2.36 -2.36
N TRP D 114 -16.24 -1.33 -2.35
CA TRP D 114 -17.26 -1.24 -1.33
C TRP D 114 -18.54 -1.89 -1.85
N GLY D 115 -18.50 -3.22 -1.96
CA GLY D 115 -19.58 -3.92 -2.60
C GLY D 115 -20.46 -4.82 -1.73
N VAL D 116 -19.91 -5.36 -0.63
CA VAL D 116 -20.60 -6.44 0.05
C VAL D 116 -20.50 -6.28 1.58
N GLY D 117 -20.22 -5.05 2.00
CA GLY D 117 -20.19 -4.74 3.41
C GLY D 117 -18.87 -4.94 4.11
N ALA D 118 -18.82 -4.57 5.39
CA ALA D 118 -17.52 -4.36 6.02
C ALA D 118 -16.73 -5.63 6.34
N VAL D 119 -17.41 -6.76 6.37
CA VAL D 119 -16.74 -8.03 6.64
C VAL D 119 -16.21 -8.66 5.36
N GLY D 120 -17.03 -8.69 4.32
CA GLY D 120 -16.63 -9.20 3.02
C GLY D 120 -15.70 -8.31 2.18
N ASN D 121 -15.85 -7.00 2.31
CA ASN D 121 -15.06 -6.13 1.44
C ASN D 121 -13.53 -6.32 1.56
N PRO D 122 -13.00 -6.51 2.79
CA PRO D 122 -11.56 -6.76 2.83
C PRO D 122 -11.11 -8.12 2.33
N ARG D 123 -12.01 -8.93 1.77
CA ARG D 123 -11.61 -10.26 1.32
C ARG D 123 -11.75 -10.49 -0.18
N PHE D 124 -12.76 -9.90 -0.80
CA PHE D 124 -13.22 -10.45 -2.07
C PHE D 124 -13.42 -9.43 -3.15
N ILE D 125 -13.20 -9.88 -4.38
CA ILE D 125 -13.48 -9.10 -5.58
C ILE D 125 -14.99 -9.12 -5.79
N ASN D 126 -15.57 -7.96 -6.10
CA ASN D 126 -17.04 -7.83 -6.21
C ASN D 126 -17.45 -7.58 -7.66
N VAL D 127 -18.28 -8.47 -8.20
CA VAL D 127 -18.68 -8.36 -9.62
C VAL D 127 -20.20 -8.45 -9.77
N GLU D 128 -20.75 -7.52 -10.54
CA GLU D 128 -22.18 -7.39 -10.74
C GLU D 128 -22.62 -7.94 -12.07
N ILE D 129 -23.66 -8.75 -12.04
CA ILE D 129 -24.36 -9.10 -13.25
C ILE D 129 -25.49 -8.10 -13.55
N VAL D 130 -25.42 -7.47 -14.72
CA VAL D 130 -26.49 -6.59 -15.21
C VAL D 130 -27.64 -7.45 -15.78
N HIS D 131 -28.89 -7.00 -15.61
CA HIS D 131 -29.98 -7.83 -16.07
C HIS D 131 -30.08 -7.77 -17.58
N THR D 132 -30.49 -8.90 -18.16
CA THR D 132 -30.62 -9.03 -19.60
C THR D 132 -32.02 -9.52 -19.86
N HIS D 133 -32.44 -9.47 -21.12
CA HIS D 133 -33.86 -9.64 -21.43
C HIS D 133 -34.15 -10.59 -22.57
N ASP D 134 -33.22 -11.48 -22.87
CA ASP D 134 -33.48 -12.54 -23.83
C ASP D 134 -32.53 -13.70 -23.54
N TYR D 135 -32.88 -14.88 -24.03
CA TYR D 135 -32.09 -16.08 -23.76
C TYR D 135 -30.61 -15.92 -24.15
N ALA D 136 -30.35 -15.51 -25.39
CA ALA D 136 -28.98 -15.46 -25.87
C ALA D 136 -28.13 -14.45 -25.09
N SER D 137 -28.69 -13.29 -24.76
CA SER D 137 -27.96 -12.28 -23.99
C SER D 137 -27.75 -12.75 -22.57
N PHE D 138 -28.75 -13.42 -22.00
CA PHE D 138 -28.57 -13.93 -20.65
C PHE D 138 -27.43 -14.95 -20.63
N ALA D 139 -27.43 -15.86 -21.60
CA ALA D 139 -26.40 -16.91 -21.69
C ALA D 139 -25.02 -16.27 -21.83
N ARG D 140 -24.90 -15.31 -22.74
CA ARG D 140 -23.63 -14.57 -22.85
C ARG D 140 -23.24 -13.91 -21.54
N SER D 141 -24.22 -13.35 -20.81
CA SER D 141 -23.89 -12.69 -19.55
C SER D 141 -23.36 -13.68 -18.51
N MET D 142 -23.82 -14.92 -18.56
CA MET D 142 -23.30 -15.94 -17.66
C MET D 142 -21.90 -16.37 -18.07
N ASN D 143 -21.72 -16.60 -19.37
CA ASN D 143 -20.41 -16.92 -19.91
C ASN D 143 -19.45 -15.78 -19.57
N ASN D 144 -19.92 -14.54 -19.64
CA ASN D 144 -19.06 -13.38 -19.34
C ASN D 144 -18.70 -13.30 -17.87
N TYR D 145 -19.67 -13.56 -16.98
CA TYR D 145 -19.31 -13.58 -15.56
C TYR D 145 -18.27 -14.65 -15.34
N ALA D 146 -18.57 -15.87 -15.82
CA ALA D 146 -17.73 -17.02 -15.55
C ALA D 146 -16.28 -16.79 -16.08
N ASP D 147 -16.16 -16.19 -17.27
CA ASP D 147 -14.84 -15.88 -17.83
C ASP D 147 -14.05 -14.88 -16.96
N TYR D 148 -14.68 -13.79 -16.51
CA TYR D 148 -13.97 -12.84 -15.70
C TYR D 148 -13.57 -13.46 -14.38
N ALA D 149 -14.50 -14.19 -13.75
CA ALA D 149 -14.20 -14.86 -12.51
C ALA D 149 -13.04 -15.87 -12.64
N ALA D 150 -13.09 -16.72 -13.66
CA ALA D 150 -12.03 -17.70 -13.86
C ALA D 150 -10.70 -17.01 -14.10
N THR D 151 -10.75 -15.92 -14.86
CA THR D 151 -9.56 -15.10 -15.06
C THR D 151 -8.96 -14.59 -13.77
N GLN D 152 -9.79 -14.06 -12.88
CA GLN D 152 -9.26 -13.56 -11.62
C GLN D 152 -8.74 -14.68 -10.72
N LEU D 153 -9.48 -15.78 -10.60
CA LEU D 153 -8.99 -16.90 -9.80
C LEU D 153 -7.61 -17.35 -10.27
N GLN D 154 -7.46 -17.52 -11.58
CA GLN D 154 -6.16 -17.95 -12.07
C GLN D 154 -5.06 -16.91 -11.77
N TYR D 155 -5.39 -15.65 -11.99
CA TYR D 155 -4.42 -14.59 -11.84
C TYR D 155 -3.90 -14.49 -10.40
N TYR D 156 -4.77 -14.79 -9.45
CA TYR D 156 -4.42 -14.65 -8.03
C TYR D 156 -4.03 -16.00 -7.40
N GLY D 157 -4.01 -17.05 -8.21
CA GLY D 157 -3.54 -18.33 -7.74
C GLY D 157 -4.53 -18.93 -6.75
N LEU D 158 -5.81 -18.65 -6.97
CA LEU D 158 -6.90 -19.22 -6.17
C LEU D 158 -7.52 -20.35 -6.98
N LYS D 159 -7.92 -21.43 -6.32
CA LYS D 159 -8.64 -22.49 -6.99
C LYS D 159 -10.11 -22.36 -6.67
N PRO D 160 -10.99 -22.64 -7.64
CA PRO D 160 -12.41 -22.46 -7.36
C PRO D 160 -12.89 -23.40 -6.24
N ASP D 161 -13.60 -22.84 -5.27
CA ASP D 161 -14.17 -23.62 -4.15
C ASP D 161 -15.40 -22.81 -3.74
N SER D 162 -16.57 -23.42 -3.84
CA SER D 162 -17.82 -22.69 -3.59
C SER D 162 -18.10 -22.61 -2.11
N ALA D 163 -18.43 -21.41 -1.63
CA ALA D 163 -18.70 -21.22 -0.22
C ALA D 163 -20.16 -21.40 0.15
N GLU D 164 -20.99 -21.68 -0.84
CA GLU D 164 -22.42 -21.54 -0.64
C GLU D 164 -22.98 -22.37 0.53
N TYR D 165 -22.47 -23.59 0.73
CA TYR D 165 -23.07 -24.52 1.70
C TYR D 165 -22.22 -24.77 2.93
N ASP D 166 -21.05 -24.14 3.00
CA ASP D 166 -20.12 -24.38 4.10
C ASP D 166 -19.41 -23.13 4.61
N GLY D 167 -19.58 -21.98 3.94
CA GLY D 167 -19.01 -20.75 4.44
C GLY D 167 -17.49 -20.68 4.27
N ASN D 168 -16.99 -21.50 3.37
CA ASN D 168 -15.55 -21.52 3.13
C ASN D 168 -15.28 -21.66 1.63
N GLY D 169 -14.40 -20.83 1.10
CA GLY D 169 -14.03 -20.98 -0.29
C GLY D 169 -13.67 -19.69 -1.00
N THR D 170 -13.60 -19.75 -2.32
CA THR D 170 -13.11 -18.64 -3.12
C THR D 170 -14.21 -18.08 -4.04
N VAL D 171 -15.35 -18.77 -4.13
CA VAL D 171 -16.49 -18.22 -4.89
C VAL D 171 -17.68 -18.08 -3.96
N TRP D 172 -18.18 -16.86 -3.83
CA TRP D 172 -19.22 -16.51 -2.88
C TRP D 172 -20.38 -15.83 -3.59
N THR D 173 -21.61 -16.16 -3.21
CA THR D 173 -22.71 -15.28 -3.58
C THR D 173 -22.80 -14.17 -2.55
N HIS D 174 -23.50 -13.09 -2.90
CA HIS D 174 -23.81 -12.07 -1.92
C HIS D 174 -24.59 -12.73 -0.77
N TYR D 175 -25.55 -13.61 -1.10
CA TYR D 175 -26.32 -14.35 -0.10
C TYR D 175 -25.39 -15.05 0.90
N ALA D 176 -24.37 -15.74 0.38
CA ALA D 176 -23.44 -16.46 1.26
C ALA D 176 -22.66 -15.54 2.19
N VAL D 177 -22.25 -14.38 1.67
CA VAL D 177 -21.62 -13.40 2.55
C VAL D 177 -22.55 -12.97 3.66
N SER D 178 -23.81 -12.64 3.31
CA SER D 178 -24.79 -12.24 4.28
C SER D 178 -24.96 -13.32 5.35
N LYS D 179 -25.07 -14.56 4.92
CA LYS D 179 -25.36 -15.67 5.83
C LYS D 179 -24.20 -15.99 6.77
N TYR D 180 -23.03 -16.18 6.18
CA TYR D 180 -21.87 -16.66 6.91
C TYR D 180 -21.02 -15.58 7.56
N LEU D 181 -20.89 -14.42 6.91
CA LEU D 181 -19.99 -13.38 7.41
C LEU D 181 -20.71 -12.20 8.03
N GLY D 182 -21.89 -11.89 7.49
CA GLY D 182 -22.64 -10.73 7.94
C GLY D 182 -22.08 -9.44 7.38
N GLY D 183 -22.54 -8.35 8.00
CA GLY D 183 -22.17 -7.01 7.56
C GLY D 183 -22.98 -6.57 6.36
N THR D 184 -23.87 -7.45 5.91
CA THR D 184 -24.77 -7.15 4.81
C THR D 184 -25.92 -8.14 4.92
N ASP D 185 -27.04 -7.86 4.24
CA ASP D 185 -28.17 -8.79 4.33
C ASP D 185 -28.88 -9.09 3.02
N HIS D 186 -28.20 -8.85 1.90
CA HIS D 186 -28.84 -9.09 0.61
C HIS D 186 -28.73 -10.55 0.19
N ALA D 187 -29.61 -10.97 -0.70
CA ALA D 187 -29.73 -12.39 -1.05
C ALA D 187 -29.41 -12.72 -2.50
N ASP D 188 -28.87 -11.75 -3.25
CA ASP D 188 -28.50 -12.06 -4.64
C ASP D 188 -27.39 -13.13 -4.78
N PRO D 189 -27.33 -13.81 -5.94
CA PRO D 189 -28.08 -13.69 -7.20
C PRO D 189 -29.11 -14.78 -7.44
N HIS D 190 -29.48 -15.52 -6.40
CA HIS D 190 -30.31 -16.68 -6.59
C HIS D 190 -31.66 -16.39 -7.28
N GLY D 191 -32.38 -15.40 -6.77
CA GLY D 191 -33.69 -15.09 -7.30
C GLY D 191 -33.62 -14.68 -8.76
N TYR D 192 -32.63 -13.84 -9.07
CA TYR D 192 -32.45 -13.39 -10.43
C TYR D 192 -32.10 -14.53 -11.38
N LEU D 193 -31.16 -15.37 -10.98
CA LEU D 193 -30.73 -16.45 -11.86
C LEU D 193 -31.90 -17.42 -12.04
N ARG D 194 -32.64 -17.67 -10.99
CA ARG D 194 -33.77 -18.60 -11.11
C ARG D 194 -34.82 -18.05 -12.07
N SER D 195 -35.01 -16.74 -12.09
CA SER D 195 -35.99 -16.16 -13.01
C SER D 195 -35.58 -16.38 -14.47
N HIS D 196 -34.32 -16.73 -14.69
CA HIS D 196 -33.88 -17.02 -16.05
C HIS D 196 -33.58 -18.49 -16.26
N ASN D 197 -34.22 -19.36 -15.47
CA ASN D 197 -34.04 -20.80 -15.61
C ASN D 197 -32.59 -21.27 -15.47
N TYR D 198 -31.89 -20.66 -14.52
CA TYR D 198 -30.48 -20.91 -14.27
C TYR D 198 -30.32 -20.90 -12.76
N SER D 199 -29.08 -21.00 -12.30
CA SER D 199 -28.80 -21.01 -10.87
C SER D 199 -27.32 -20.75 -10.61
N TYR D 200 -27.04 -20.41 -9.34
CA TYR D 200 -25.67 -20.13 -8.94
C TYR D 200 -24.83 -21.39 -9.09
N ASP D 201 -25.42 -22.54 -8.77
CA ASP D 201 -24.61 -23.75 -8.88
C ASP D 201 -24.23 -24.04 -10.34
N GLN D 202 -25.11 -23.70 -11.28
CA GLN D 202 -24.78 -23.84 -12.70
C GLN D 202 -23.69 -22.83 -13.06
N LEU D 203 -23.80 -21.62 -12.52
CA LEU D 203 -22.76 -20.60 -12.78
C LEU D 203 -21.42 -21.08 -12.23
N TYR D 204 -21.44 -21.61 -11.01
CA TYR D 204 -20.21 -22.11 -10.38
C TYR D 204 -19.57 -23.21 -11.21
N ASP D 205 -20.37 -24.11 -11.76
CA ASP D 205 -19.82 -25.20 -12.57
C ASP D 205 -19.18 -24.62 -13.82
N LEU D 206 -19.75 -23.54 -14.34
CA LEU D 206 -19.17 -22.91 -15.51
C LEU D 206 -17.86 -22.19 -15.20
N ILE D 207 -17.78 -21.54 -14.04
CA ILE D 207 -16.57 -20.87 -13.61
C ILE D 207 -15.49 -21.94 -13.43
N ASN D 208 -15.90 -23.06 -12.86
CA ASN D 208 -14.95 -24.13 -12.60
C ASN D 208 -14.37 -24.65 -13.91
N GLU D 209 -15.23 -24.89 -14.91
CA GLU D 209 -14.76 -25.41 -16.19
C GLU D 209 -13.84 -24.39 -16.84
N LYS D 210 -14.26 -23.13 -16.86
CA LYS D 210 -13.41 -22.15 -17.52
C LYS D 210 -12.06 -22.00 -16.83
N TYR D 211 -12.05 -22.07 -15.51
CA TYR D 211 -10.80 -22.03 -14.77
C TYR D 211 -9.91 -23.18 -15.19
N LEU D 212 -10.50 -24.38 -15.27
CA LEU D 212 -9.71 -25.54 -15.63
C LEU D 212 -9.24 -25.46 -17.09
N ILE D 213 -10.03 -24.82 -17.95
CA ILE D 213 -9.59 -24.63 -19.32
C ILE D 213 -8.37 -23.72 -19.35
N LYS D 214 -8.45 -22.62 -18.59
CA LYS D 214 -7.35 -21.66 -18.53
C LYS D 214 -6.09 -22.25 -17.89
N MET D 215 -6.25 -23.18 -16.95
CA MET D 215 -5.12 -23.83 -16.30
C MET D 215 -4.55 -24.97 -17.13
N GLY D 216 -5.18 -25.22 -18.28
CA GLY D 216 -4.73 -26.29 -19.16
C GLY D 216 -4.94 -27.68 -18.60
N LYS D 217 -6.00 -27.87 -17.82
CA LYS D 217 -6.31 -29.19 -17.24
C LYS D 217 -7.47 -29.85 -17.96
N VAL D 218 -8.35 -29.07 -18.58
CA VAL D 218 -9.37 -29.64 -19.45
C VAL D 218 -9.41 -29.02 -20.86
N ALA D 219 -9.97 -29.76 -21.81
CA ALA D 219 -9.98 -29.33 -23.21
C ALA D 219 -10.87 -28.10 -23.46
N PRO D 220 -10.35 -27.14 -24.23
CA PRO D 220 -11.14 -25.94 -24.55
C PRO D 220 -12.31 -26.28 -25.45
N TRP D 221 -13.23 -25.35 -25.60
CA TRP D 221 -14.43 -25.56 -26.41
C TRP D 221 -14.13 -25.52 -27.91
N ALA E 1 -12.40 7.63 21.63
CA ALA E 1 -12.26 7.79 20.18
C ALA E 1 -13.49 7.36 19.40
CD ZGL E 2 -15.74 8.72 17.33
N ZGL E 2 -13.63 7.82 18.14
O2 ZGL E 2 -15.24 9.86 17.30
N1 ZGL E 2 -17.06 8.50 17.33
CA ZGL E 2 -14.83 7.53 17.36
CB ZGL E 2 -14.38 7.22 15.93
C ZGL E 2 -13.53 5.63 14.30
CG ZGL E 2 -13.57 5.95 15.82
O ZGL E 2 -13.27 6.53 13.51
OH ALY E 3 -17.62 0.64 7.41
CH ALY E 3 -16.47 0.16 7.91
CH3 ALY E 3 -15.58 -0.72 7.04
NZ ALY E 3 -16.08 0.39 9.07
CE ALY E 3 -14.79 -0.05 9.59
CD ALY E 3 -14.54 0.52 10.97
CG ALY E 3 -14.61 2.04 11.02
CB ALY E 3 -14.44 2.53 12.47
CA ALY E 3 -14.05 3.98 12.56
N ALY E 3 -13.82 4.36 13.97
C ALY E 3 -15.13 4.89 11.93
O ALY E 3 -15.03 5.35 10.76
N DAL E 4 -16.16 5.14 12.73
CA DAL E 4 -17.24 5.97 12.20
CB DAL E 4 -18.04 6.57 13.32
C DAL E 4 -18.15 5.19 11.31
O DAL E 4 -18.35 3.97 11.47
N NH2 E 5 -18.74 5.92 10.36
N ALA F 1 -25.78 -3.07 -4.63
CA ALA F 1 -24.70 -3.50 -3.74
C ALA F 1 -24.78 -2.82 -2.37
CD ZGL F 2 -24.96 -3.74 0.84
N ZGL F 2 -24.05 -3.34 -1.39
O2 ZGL F 2 -24.92 -4.96 0.66
N1 ZGL F 2 -25.68 -3.17 1.80
CA ZGL F 2 -24.16 -2.81 -0.04
CB ZGL F 2 -22.77 -2.65 0.57
C ZGL F 2 -20.67 -1.42 0.76
CG ZGL F 2 -21.92 -1.61 -0.12
O ZGL F 2 -19.98 -2.39 1.12
OH ALY F 3 -16.76 3.61 7.72
CH ALY F 3 -16.52 4.06 6.47
CH3 ALY F 3 -15.27 4.87 6.13
NZ ALY F 3 -17.30 3.82 5.53
CE ALY F 3 -16.88 3.90 4.14
CD ALY F 3 -18.04 3.49 3.26
CG ALY F 3 -18.12 1.96 3.21
CB ALY F 3 -19.25 1.61 2.23
CA ALY F 3 -19.42 0.13 2.12
N ALY F 3 -20.39 -0.16 1.08
C ALY F 3 -19.86 -0.45 3.46
O ALY F 3 -19.05 -0.97 4.22
N DAL F 4 -21.17 -0.37 3.73
CA DAL F 4 -21.58 -1.07 4.96
CB DAL F 4 -23.04 -1.32 4.94
C DAL F 4 -21.21 -0.21 6.13
O DAL F 4 -21.11 1.02 5.99
N NH2 F 5 -20.98 -0.88 7.25
N1 IMD G . 16.44 -22.06 25.07
C2 IMD G . 17.54 -22.69 25.50
N3 IMD G . 17.47 -22.81 26.85
C4 IMD G . 16.30 -22.25 27.28
C5 IMD G . 15.66 -21.76 26.14
NA NA H . 14.83 -22.56 5.26
C FMT I . 13.33 -14.42 0.12
O1 FMT I . 14.17 -14.34 -0.79
O2 FMT I . 12.17 -13.97 0.07
NA NA J . 7.00 -1.87 12.80
N1 IMD K . -3.66 21.03 -32.57
C2 IMD K . -3.23 20.53 -31.38
N3 IMD K . -4.32 20.32 -30.60
C4 IMD K . -5.43 20.68 -31.28
C5 IMD K . -5.02 21.14 -32.52
NA NA L . 10.31 19.03 -16.79
C FMT M . 11.49 11.00 -11.52
O1 FMT M . 12.60 10.51 -11.72
O2 FMT M . 10.65 10.57 -10.72
NA NA N . -4.78 1.39 -14.16
C1 OXM O . -2.87 -16.39 -19.68
N1 OXM O . -2.24 -17.22 -20.64
O1 OXM O . -3.80 -15.65 -19.99
C2 OXM O . -2.40 -16.38 -18.27
O2 OXM O . -2.82 -15.45 -17.54
O3 OXM O . -1.60 -17.24 -17.80
N1 IMD P . 7.62 28.65 25.13
C2 IMD P . 6.49 29.01 25.80
N3 IMD P . 6.86 29.53 26.99
C4 IMD P . 8.21 29.50 27.07
C5 IMD P . 8.69 28.95 25.89
NA NA Q . -5.39 27.21 9.61
C1 MPD R . -12.42 0.05 6.53
C2 MPD R . -12.52 0.87 5.26
O2 MPD R . -13.89 1.29 5.05
CM MPD R . -12.14 -0.04 4.11
C3 MPD R . -11.57 2.06 5.39
C4 MPD R . -12.02 3.29 6.18
O4 MPD R . -12.49 3.03 7.48
C5 MPD R . -10.86 4.25 6.37
O1 TAR S . -1.25 -9.83 18.12
O11 TAR S . 0.03 -8.10 18.22
C1 TAR S . -0.58 -9.01 18.82
C2 TAR S . -0.51 -9.11 20.33
O2 TAR S . 0.76 -9.53 20.66
C3 TAR S . -0.72 -7.78 21.00
O3 TAR S . 0.27 -6.92 20.56
C4 TAR S . -0.65 -7.84 22.51
O4 TAR S . -0.53 -8.93 23.13
O41 TAR S . -0.72 -6.78 23.19
NA NA T . 6.13 6.96 12.09
N1 IMD U . -21.81 -28.13 -20.65
C2 IMD U . -20.51 -27.80 -20.83
N3 IMD U . -19.98 -27.42 -19.63
C4 IMD U . -20.95 -27.53 -18.69
C5 IMD U . -22.09 -27.98 -19.33
NA NA V . -16.54 -24.57 0.24
NA NA W . -6.70 -7.14 -12.13
C1 MUB X . -11.79 4.85 26.81
C2 MUB X . -11.98 5.42 25.42
C3 MUB X . -13.18 6.36 25.44
C4 MUB X . -14.39 5.62 26.03
C5 MUB X . -14.06 4.88 27.34
C6 MUB X . -15.20 4.00 27.88
C7 MUB X . -10.44 5.79 23.58
C8 MUB X . -8.99 6.06 23.23
C9 MUB X . -13.24 8.24 23.83
C10 MUB X . -13.15 8.49 22.35
C11 MUB X . -14.39 9.04 24.38
O1 MUB X . -11.55 5.86 27.72
O3 MUB X . -13.44 6.87 24.15
O4 MUB X . -15.42 6.54 26.17
O5 MUB X . -12.91 4.12 27.22
O6 MUB X . -15.23 4.06 29.27
O7 MUB X . -11.21 5.40 22.70
O10 MUB X . -13.74 9.44 21.83
N2 MUB X . -10.77 6.04 24.86
C1 MUB Y . -28.51 -0.08 -9.03
C2 MUB Y . -27.76 -0.66 -7.84
C3 MUB Y . -28.77 -1.27 -6.88
C4 MUB Y . -29.83 -0.23 -6.55
C5 MUB Y . -30.36 0.54 -7.77
C6 MUB Y . -31.17 1.78 -7.37
C7 MUB Y . -25.54 -1.54 -7.72
C8 MUB Y . -24.44 -2.23 -8.49
C9 MUB Y . -28.10 -3.15 -5.40
C10 MUB Y . -27.01 -3.56 -4.43
C11 MUB Y . -29.42 -3.54 -4.79
O1 MUB Y . -29.23 -1.08 -9.66
O3 MUB Y . -28.12 -1.78 -5.71
O4 MUB Y . -30.84 -0.87 -5.86
O5 MUB Y . -29.37 0.94 -8.65
O6 MUB Y . -31.86 2.29 -8.47
O7 MUB Y . -25.30 -0.93 -6.68
O10 MUB Y . -27.25 -4.31 -3.50
N2 MUB Y . -26.76 -1.62 -8.26
#